data_3GHY
#
_entry.id   3GHY
#
_cell.length_a   70.648
_cell.length_b   70.648
_cell.length_c   145.409
_cell.angle_alpha   90.00
_cell.angle_beta   90.00
_cell.angle_gamma   90.00
#
_symmetry.space_group_name_H-M   'P 43'
#
loop_
_entity.id
_entity.type
_entity.pdbx_description
1 polymer 'Ketopantoate reductase protein'
2 water water
#
_entity_poly.entity_id   1
_entity_poly.type   'polypeptide(L)'
_entity_poly.pdbx_seq_one_letter_code
;MSLTRICIVGAGAVGGYLGARLALAGEAINVLARGATLQALQTAGLRLTEDGATHTLPVRATHDAAALGEQDVVIVAVKA
PALESVAAGIAPLIGPGTCVVVAMNGVPWWFFDRPGPLQGQRLQAVDPHGRIAQAIPTRHVLGCVVHLTCATVSPGHIRH
GNGRRLILGEPAGGASPRLASIAALFGRAGLQAECSEAIQRDIWFKLWGNMTMNPVSVLTGATCDRILDDPLVSAFCLAV
MAEAKAIGARIGCPIEQSGEARSAVTRQLGAFKTSMLQDAEAGRGPLEIDALVASVREIGLHVGVPTPQIDTLLGLVRLH
AQTRGLYEGHHHHHH
;
_entity_poly.pdbx_strand_id   A,B
#
# COMPACT_ATOMS: atom_id res chain seq x y z
N SER A 2 -12.54 11.40 47.21
CA SER A 2 -12.30 10.03 46.70
C SER A 2 -12.56 9.95 45.19
N LEU A 3 -12.16 8.84 44.57
CA LEU A 3 -12.37 8.60 43.14
C LEU A 3 -13.70 7.88 42.93
N THR A 4 -14.77 8.62 43.11
CA THR A 4 -16.11 8.05 43.22
C THR A 4 -16.94 8.23 41.93
N ARG A 5 -16.83 9.40 41.32
CA ARG A 5 -17.61 9.72 40.12
C ARG A 5 -16.71 9.46 38.92
N ILE A 6 -17.01 8.38 38.19
CA ILE A 6 -16.11 7.90 37.14
C ILE A 6 -16.89 7.91 35.85
N CYS A 7 -16.32 8.56 34.82
CA CYS A 7 -17.00 8.64 33.54
C CYS A 7 -16.11 8.15 32.41
N ILE A 8 -16.71 7.37 31.51
CA ILE A 8 -16.01 6.96 30.29
C ILE A 8 -16.57 7.75 29.12
N VAL A 9 -15.69 8.34 28.33
CA VAL A 9 -16.13 8.98 27.09
C VAL A 9 -16.23 7.93 25.98
N GLY A 10 -17.47 7.62 25.56
CA GLY A 10 -17.74 6.55 24.59
C GLY A 10 -17.63 5.16 25.20
N ALA A 11 -17.95 4.15 24.41
CA ALA A 11 -17.73 2.77 24.85
C ALA A 11 -16.90 2.02 23.80
N GLY A 12 -15.82 2.64 23.34
CA GLY A 12 -14.90 2.05 22.37
C GLY A 12 -14.09 0.91 22.97
N ALA A 13 -13.15 0.37 22.19
CA ALA A 13 -12.38 -0.81 22.59
C ALA A 13 -11.67 -0.62 23.92
N VAL A 14 -10.85 0.42 24.02
CA VAL A 14 -10.03 0.66 25.21
C VAL A 14 -10.86 1.27 26.36
N GLY A 15 -11.53 2.40 26.08
CA GLY A 15 -12.37 3.09 27.05
C GLY A 15 -13.45 2.22 27.65
N GLY A 16 -14.16 1.51 26.79
CA GLY A 16 -15.19 0.56 27.23
C GLY A 16 -14.63 -0.60 28.04
N TYR A 17 -13.39 -1.02 27.74
CA TYR A 17 -12.77 -2.10 28.52
C TYR A 17 -12.40 -1.62 29.91
N LEU A 18 -11.73 -0.47 29.99
CA LEU A 18 -11.42 0.16 31.29
C LEU A 18 -12.68 0.33 32.12
N GLY A 19 -13.75 0.83 31.49
CA GLY A 19 -15.03 1.00 32.14
C GLY A 19 -15.69 -0.27 32.64
N ALA A 20 -15.63 -1.33 31.85
CA ALA A 20 -16.16 -2.61 32.25
C ALA A 20 -15.40 -3.21 33.43
N ARG A 21 -14.06 -3.08 33.42
CA ARG A 21 -13.25 -3.58 34.54
C ARG A 21 -13.60 -2.87 35.86
N LEU A 22 -13.79 -1.56 35.81
CA LEU A 22 -14.21 -0.77 36.97
C LEU A 22 -15.58 -1.17 37.46
N ALA A 23 -16.54 -1.29 36.55
CA ALA A 23 -17.87 -1.75 36.90
C ALA A 23 -17.84 -3.15 37.57
N LEU A 24 -16.99 -4.04 37.04
CA LEU A 24 -16.78 -5.37 37.64
C LEU A 24 -16.25 -5.34 39.07
N ALA A 25 -15.35 -4.37 39.33
CA ALA A 25 -14.81 -4.12 40.67
C ALA A 25 -15.83 -3.47 41.63
N GLY A 26 -17.00 -3.17 41.11
CA GLY A 26 -18.10 -2.66 41.94
C GLY A 26 -18.20 -1.15 41.99
N GLU A 27 -17.50 -0.45 41.10
CA GLU A 27 -17.64 1.00 40.98
C GLU A 27 -18.91 1.35 40.23
N ALA A 28 -19.53 2.47 40.58
CA ALA A 28 -20.59 3.04 39.76
C ALA A 28 -19.88 3.71 38.61
N ILE A 29 -20.22 3.36 37.38
CA ILE A 29 -19.56 4.02 36.26
C ILE A 29 -20.55 4.71 35.31
N ASN A 30 -20.17 5.90 34.86
CA ASN A 30 -20.96 6.70 33.94
C ASN A 30 -20.35 6.58 32.56
N VAL A 31 -21.19 6.59 31.52
CA VAL A 31 -20.70 6.65 30.16
C VAL A 31 -21.33 7.81 29.41
N LEU A 32 -20.49 8.66 28.82
CA LEU A 32 -20.96 9.66 27.89
C LEU A 32 -20.93 9.06 26.49
N ALA A 33 -22.10 8.84 25.92
CA ALA A 33 -22.24 8.10 24.65
C ALA A 33 -23.26 8.76 23.72
N ARG A 34 -23.11 8.52 22.42
CA ARG A 34 -24.02 9.02 21.39
C ARG A 34 -24.66 7.86 20.63
N GLY A 35 -25.58 8.19 19.73
CA GLY A 35 -26.12 7.27 18.71
C GLY A 35 -26.60 5.91 19.17
N ALA A 36 -26.14 4.87 18.45
CA ALA A 36 -26.56 3.50 18.71
C ALA A 36 -25.85 2.88 19.92
N THR A 37 -24.66 3.38 20.22
CA THR A 37 -23.94 2.99 21.43
C THR A 37 -24.74 3.38 22.69
N LEU A 38 -25.28 4.60 22.68
CA LEU A 38 -26.11 5.10 23.79
C LEU A 38 -27.33 4.23 24.05
N GLN A 39 -28.08 3.90 23.00
CA GLN A 39 -29.26 3.04 23.10
C GLN A 39 -28.96 1.63 23.60
N ALA A 40 -27.87 1.05 23.12
CA ALA A 40 -27.45 -0.28 23.52
C ALA A 40 -27.06 -0.31 25.00
N LEU A 41 -26.38 0.76 25.44
CA LEU A 41 -25.92 0.89 26.82
C LEU A 41 -27.07 1.14 27.80
N GLN A 42 -28.04 1.95 27.40
CA GLN A 42 -29.21 2.25 28.24
C GLN A 42 -30.15 1.08 28.39
N THR A 43 -30.22 0.22 27.38
CA THR A 43 -31.14 -0.91 27.40
C THR A 43 -30.51 -2.20 27.92
N ALA A 44 -29.32 -2.53 27.44
CA ALA A 44 -28.67 -3.79 27.82
C ALA A 44 -27.61 -3.65 28.92
N GLY A 45 -27.01 -2.47 29.02
CA GLY A 45 -25.87 -2.24 29.91
C GLY A 45 -24.57 -2.24 29.13
N LEU A 46 -23.45 -2.16 29.84
CA LEU A 46 -22.17 -2.37 29.18
C LEU A 46 -21.91 -3.87 29.19
N ARG A 47 -21.46 -4.37 28.05
CA ARG A 47 -21.22 -5.81 27.88
C ARG A 47 -19.75 -6.11 27.68
N LEU A 48 -19.25 -7.06 28.46
CA LEU A 48 -17.87 -7.47 28.37
C LEU A 48 -17.76 -8.97 28.15
N THR A 49 -17.13 -9.36 27.05
CA THR A 49 -16.72 -10.76 26.90
C THR A 49 -15.23 -10.89 27.17
N GLU A 50 -14.90 -11.64 28.22
CA GLU A 50 -13.51 -11.96 28.58
C GLU A 50 -13.50 -13.39 29.16
N ASP A 51 -12.46 -14.14 28.80
CA ASP A 51 -12.25 -15.52 29.24
C ASP A 51 -13.45 -16.42 28.94
N GLY A 52 -14.05 -16.22 27.76
CA GLY A 52 -15.21 -16.99 27.32
C GLY A 52 -16.49 -16.74 28.10
N ALA A 53 -16.51 -15.71 28.95
CA ALA A 53 -17.69 -15.37 29.71
C ALA A 53 -18.13 -13.94 29.44
N THR A 54 -19.45 -13.74 29.35
CA THR A 54 -20.00 -12.41 29.10
C THR A 54 -20.66 -11.83 30.35
N HIS A 55 -20.37 -10.56 30.64
CA HIS A 55 -20.96 -9.85 31.76
C HIS A 55 -21.77 -8.67 31.23
N THR A 56 -22.97 -8.50 31.79
CA THR A 56 -23.76 -7.29 31.53
CA THR A 56 -23.77 -7.30 31.53
C THR A 56 -23.66 -6.40 32.76
N LEU A 57 -23.10 -5.23 32.56
CA LEU A 57 -22.75 -4.31 33.65
C LEU A 57 -23.60 -3.06 33.52
N PRO A 58 -24.61 -2.92 34.41
CA PRO A 58 -25.42 -1.71 34.46
C PRO A 58 -24.53 -0.46 34.62
N VAL A 59 -24.75 0.53 33.75
CA VAL A 59 -23.99 1.78 33.77
C VAL A 59 -24.99 2.94 33.68
N ARG A 60 -24.54 4.16 33.95
CA ARG A 60 -25.37 5.33 33.71
C ARG A 60 -24.92 6.00 32.43
N ALA A 61 -25.63 5.71 31.34
CA ALA A 61 -25.27 6.20 30.02
C ALA A 61 -26.21 7.32 29.58
N THR A 62 -25.63 8.41 29.10
CA THR A 62 -26.37 9.59 28.70
C THR A 62 -25.52 10.34 27.68
N HIS A 63 -26.15 11.16 26.85
CA HIS A 63 -25.43 12.09 25.97
C HIS A 63 -25.20 13.41 26.69
N ASP A 64 -25.96 13.62 27.76
CA ASP A 64 -25.99 14.88 28.50
C ASP A 64 -24.96 14.92 29.61
N ALA A 65 -23.82 15.56 29.31
CA ALA A 65 -22.74 15.76 30.27
C ALA A 65 -23.12 16.67 31.43
N ALA A 66 -24.00 17.65 31.16
CA ALA A 66 -24.44 18.61 32.18
C ALA A 66 -25.18 17.89 33.30
N ALA A 67 -26.05 16.94 32.93
CA ALA A 67 -26.77 16.09 33.88
C ALA A 67 -25.85 15.28 34.78
N LEU A 68 -24.69 14.88 34.25
CA LEU A 68 -23.71 14.15 35.03
C LEU A 68 -22.98 15.06 36.01
N GLY A 69 -22.47 16.18 35.52
CA GLY A 69 -21.74 17.12 36.36
C GLY A 69 -20.30 16.73 36.52
N GLU A 70 -19.59 17.47 37.38
CA GLU A 70 -18.16 17.26 37.66
CA GLU A 70 -18.16 17.25 37.62
C GLU A 70 -17.88 15.83 38.13
N GLN A 71 -16.80 15.24 37.60
CA GLN A 71 -16.42 13.86 37.92
C GLN A 71 -15.08 13.85 38.64
N ASP A 72 -14.76 12.74 39.26
CA ASP A 72 -13.47 12.59 39.91
C ASP A 72 -12.45 12.06 38.89
N VAL A 73 -12.90 11.12 38.08
CA VAL A 73 -12.06 10.51 37.04
C VAL A 73 -12.84 10.48 35.72
N VAL A 74 -12.25 11.05 34.67
CA VAL A 74 -12.80 10.95 33.32
C VAL A 74 -11.83 10.13 32.44
N ILE A 75 -12.31 9.06 31.82
CA ILE A 75 -11.43 8.25 30.96
C ILE A 75 -11.69 8.55 29.48
N VAL A 76 -10.70 9.17 28.85
CA VAL A 76 -10.78 9.57 27.45
C VAL A 76 -9.87 8.67 26.62
N ALA A 77 -10.49 7.74 25.90
CA ALA A 77 -9.78 6.85 25.00
C ALA A 77 -10.49 6.86 23.67
N VAL A 78 -10.37 7.96 22.94
CA VAL A 78 -11.00 8.10 21.64
C VAL A 78 -9.92 8.27 20.59
N LYS A 79 -10.33 8.24 19.32
CA LYS A 79 -9.40 8.50 18.23
C LYS A 79 -9.19 10.00 18.12
N ALA A 80 -7.98 10.39 17.69
CA ALA A 80 -7.58 11.80 17.54
C ALA A 80 -8.52 12.73 16.74
N PRO A 81 -9.04 12.29 15.56
CA PRO A 81 -9.98 13.20 14.86
C PRO A 81 -11.29 13.45 15.61
N ALA A 82 -11.73 12.48 16.42
CA ALA A 82 -12.95 12.62 17.21
C ALA A 82 -12.76 13.51 18.44
N LEU A 83 -11.52 13.77 18.81
CA LEU A 83 -11.27 14.53 20.01
C LEU A 83 -11.78 15.94 19.94
N GLU A 84 -11.43 16.65 18.87
CA GLU A 84 -11.87 18.03 18.69
C GLU A 84 -13.33 18.20 19.07
N SER A 85 -14.14 17.20 18.72
CA SER A 85 -15.57 17.24 19.04
C SER A 85 -15.89 16.42 20.28
N VAL A 86 -14.85 16.14 21.07
CA VAL A 86 -15.02 15.37 22.29
C VAL A 86 -14.77 16.23 23.53
N ALA A 87 -13.76 17.10 23.45
CA ALA A 87 -13.42 17.99 24.55
C ALA A 87 -14.60 18.88 24.91
N ALA A 88 -14.91 19.83 24.04
CA ALA A 88 -16.01 20.75 24.28
C ALA A 88 -17.25 20.02 24.80
N GLY A 89 -17.29 18.71 24.55
CA GLY A 89 -18.42 17.90 25.00
C GLY A 89 -18.30 17.49 26.46
N ILE A 90 -17.06 17.23 26.89
CA ILE A 90 -16.81 16.83 28.27
C ILE A 90 -16.34 18.01 29.11
N ALA A 91 -16.96 19.17 28.89
CA ALA A 91 -16.61 20.37 29.62
C ALA A 91 -17.29 20.41 30.99
N PRO A 92 -18.50 19.86 31.05
CA PRO A 92 -19.27 19.83 32.29
C PRO A 92 -18.78 18.74 33.23
N LEU A 93 -18.04 17.78 32.69
CA LEU A 93 -17.50 16.68 33.51
C LEU A 93 -16.24 17.09 34.22
N ILE A 94 -15.64 18.17 33.75
CA ILE A 94 -14.37 18.61 34.29
C ILE A 94 -14.56 19.78 35.27
N GLY A 95 -14.19 19.54 36.53
CA GLY A 95 -14.14 20.60 37.53
C GLY A 95 -12.73 20.66 38.08
N PRO A 96 -12.46 21.57 39.05
CA PRO A 96 -11.13 21.80 39.61
C PRO A 96 -10.34 20.56 40.04
N GLY A 97 -11.03 19.57 40.62
CA GLY A 97 -10.35 18.39 41.15
C GLY A 97 -10.30 17.19 40.21
N THR A 98 -10.88 17.32 39.03
CA THR A 98 -11.04 16.21 38.07
C THR A 98 -9.73 15.73 37.47
N CYS A 99 -9.47 14.43 37.58
CA CYS A 99 -8.39 13.80 36.84
C CYS A 99 -8.91 13.22 35.53
N VAL A 100 -8.29 13.61 34.43
CA VAL A 100 -8.65 13.13 33.11
C VAL A 100 -7.59 12.11 32.71
N VAL A 101 -7.96 10.84 32.72
CA VAL A 101 -7.04 9.80 32.26
C VAL A 101 -7.15 9.70 30.74
N VAL A 102 -6.07 10.08 30.07
CA VAL A 102 -6.01 10.12 28.61
C VAL A 102 -5.24 8.91 28.08
N ALA A 103 -5.97 7.96 27.50
CA ALA A 103 -5.38 6.72 26.97
C ALA A 103 -5.58 6.68 25.47
N MET A 104 -4.68 7.32 24.73
CA MET A 104 -4.82 7.51 23.27
CA MET A 104 -4.85 7.40 23.28
C MET A 104 -3.60 7.00 22.50
N ASN A 105 -3.82 6.57 21.26
CA ASN A 105 -2.74 6.11 20.38
C ASN A 105 -1.93 7.26 19.76
N GLY A 106 -0.66 6.99 19.49
CA GLY A 106 0.23 7.97 18.89
C GLY A 106 0.72 9.01 19.87
N VAL A 107 0.95 10.21 19.35
CA VAL A 107 1.36 11.33 20.17
C VAL A 107 0.11 12.09 20.62
N PRO A 108 -0.07 12.20 21.96
CA PRO A 108 -1.19 12.95 22.52
C PRO A 108 -0.99 14.47 22.40
N TRP A 109 -2.08 15.23 22.32
CA TRP A 109 -2.01 16.69 22.14
C TRP A 109 -1.12 17.39 23.18
N TRP A 110 -1.14 16.87 24.41
CA TRP A 110 -0.47 17.48 25.56
C TRP A 110 1.01 17.10 25.71
N PHE A 111 1.53 16.27 24.79
CA PHE A 111 2.83 15.57 24.94
C PHE A 111 3.99 16.39 25.48
N PHE A 112 4.11 17.64 25.02
CA PHE A 112 5.28 18.46 25.29
C PHE A 112 5.23 19.31 26.58
N ASP A 113 4.13 19.23 27.31
CA ASP A 113 3.98 20.00 28.56
C ASP A 113 4.77 19.35 29.70
N ARG A 114 6.09 19.42 29.58
CA ARG A 114 7.07 18.94 30.55
C ARG A 114 8.36 19.71 30.26
N PRO A 115 9.25 19.89 31.27
CA PRO A 115 10.51 20.58 31.02
C PRO A 115 11.37 19.85 29.97
N GLY A 116 12.02 20.63 29.10
CA GLY A 116 12.82 20.08 28.01
C GLY A 116 12.41 20.61 26.65
N PRO A 117 12.93 19.98 25.57
CA PRO A 117 12.81 20.41 24.17
C PRO A 117 11.37 20.66 23.71
N LEU A 118 11.18 21.83 23.12
CA LEU A 118 9.89 22.28 22.55
C LEU A 118 8.71 22.20 23.53
N GLN A 119 8.93 22.68 24.75
CA GLN A 119 7.90 22.67 25.79
C GLN A 119 6.72 23.55 25.40
N GLY A 120 5.52 22.96 25.40
CA GLY A 120 4.31 23.67 25.05
C GLY A 120 4.03 23.77 23.56
N GLN A 121 4.78 23.00 22.76
CA GLN A 121 4.64 23.00 21.31
C GLN A 121 3.28 22.45 20.91
N ARG A 122 2.47 23.27 20.25
CA ARG A 122 1.19 22.83 19.75
C ARG A 122 1.38 22.03 18.47
N LEU A 123 0.83 20.82 18.46
CA LEU A 123 0.98 19.93 17.32
C LEU A 123 -0.23 20.03 16.40
N GLN A 124 0.02 20.44 15.16
CA GLN A 124 -1.04 20.67 14.16
C GLN A 124 -1.74 19.39 13.73
N ALA A 125 -1.02 18.27 13.83
CA ALA A 125 -1.54 16.96 13.48
C ALA A 125 -2.66 16.46 14.41
N VAL A 126 -2.62 16.89 15.67
CA VAL A 126 -3.60 16.45 16.66
C VAL A 126 -4.52 17.54 17.23
N ASP A 127 -4.00 18.76 17.36
CA ASP A 127 -4.81 19.90 17.83
C ASP A 127 -4.38 21.21 17.15
N PRO A 128 -4.82 21.41 15.89
CA PRO A 128 -4.35 22.54 15.09
C PRO A 128 -4.82 23.91 15.59
N HIS A 129 -6.08 24.01 16.03
CA HIS A 129 -6.66 25.28 16.47
C HIS A 129 -6.71 25.44 17.99
N GLY A 130 -6.06 24.52 18.70
CA GLY A 130 -5.87 24.61 20.15
C GLY A 130 -7.10 24.39 21.01
N ARG A 131 -8.16 23.87 20.39
CA ARG A 131 -9.46 23.70 21.03
C ARG A 131 -9.49 22.60 22.08
N ILE A 132 -8.65 21.59 21.92
CA ILE A 132 -8.62 20.45 22.85
C ILE A 132 -7.88 20.79 24.15
N ALA A 133 -6.75 21.47 24.04
CA ALA A 133 -5.97 21.89 25.22
C ALA A 133 -6.67 22.94 26.09
N GLN A 134 -7.58 23.72 25.51
CA GLN A 134 -8.35 24.69 26.27
C GLN A 134 -9.60 24.06 26.89
N ALA A 135 -10.13 23.01 26.25
CA ALA A 135 -11.28 22.27 26.78
C ALA A 135 -10.84 21.29 27.86
N ILE A 136 -9.61 20.77 27.72
CA ILE A 136 -8.98 19.88 28.70
C ILE A 136 -7.60 20.44 29.06
N PRO A 137 -7.52 21.34 30.06
CA PRO A 137 -6.23 21.86 30.53
C PRO A 137 -5.34 20.74 31.07
N THR A 138 -4.03 20.89 30.88
CA THR A 138 -3.07 19.80 31.07
C THR A 138 -2.89 19.34 32.53
N ARG A 139 -3.12 20.25 33.48
CA ARG A 139 -2.98 19.90 34.91
C ARG A 139 -3.99 18.84 35.38
N HIS A 140 -5.10 18.73 34.66
CA HIS A 140 -6.09 17.68 34.87
C HIS A 140 -5.66 16.31 34.35
N VAL A 141 -4.78 16.29 33.35
CA VAL A 141 -4.56 15.04 32.63
C VAL A 141 -3.54 14.10 33.28
N LEU A 142 -3.87 12.82 33.25
CA LEU A 142 -2.90 11.78 33.57
C LEU A 142 -2.77 10.92 32.32
N GLY A 143 -1.54 10.71 31.88
CA GLY A 143 -1.27 9.95 30.67
C GLY A 143 -1.35 8.46 30.89
N CYS A 144 -1.85 7.75 29.88
CA CYS A 144 -1.98 6.31 29.96
C CYS A 144 -1.55 5.63 28.65
N VAL A 145 -0.55 4.76 28.74
CA VAL A 145 -0.15 3.88 27.63
C VAL A 145 -0.75 2.51 27.87
N VAL A 146 -1.59 2.08 26.92
CA VAL A 146 -2.27 0.79 27.04
C VAL A 146 -1.45 -0.30 26.35
N HIS A 147 -1.19 -1.38 27.07
CA HIS A 147 -0.43 -2.52 26.55
C HIS A 147 -1.26 -3.79 26.56
N LEU A 148 -2.57 -3.62 26.48
CA LEU A 148 -3.49 -4.74 26.31
C LEU A 148 -4.24 -4.54 25.01
N THR A 149 -4.97 -5.56 24.57
CA THR A 149 -5.76 -5.47 23.35
C THR A 149 -7.21 -5.80 23.62
N CYS A 150 -8.09 -5.13 22.89
CA CYS A 150 -9.52 -5.46 22.90
C CYS A 150 -10.20 -4.84 21.70
N ALA A 151 -11.47 -5.18 21.53
CA ALA A 151 -12.22 -4.75 20.36
C ALA A 151 -13.70 -4.56 20.66
N THR A 152 -14.36 -3.77 19.82
CA THR A 152 -15.80 -3.60 19.85
C THR A 152 -16.48 -4.61 18.93
N VAL A 153 -17.30 -5.48 19.51
CA VAL A 153 -18.15 -6.40 18.74
C VAL A 153 -19.28 -5.60 18.11
N SER A 154 -20.32 -5.36 18.91
CA SER A 154 -21.43 -4.49 18.57
C SER A 154 -21.35 -3.29 19.53
N PRO A 155 -21.97 -2.15 19.18
CA PRO A 155 -22.11 -0.98 20.08
C PRO A 155 -22.43 -1.34 21.53
N GLY A 156 -21.55 -0.94 22.45
CA GLY A 156 -21.73 -1.25 23.87
C GLY A 156 -21.34 -2.66 24.31
N HIS A 157 -20.71 -3.41 23.40
CA HIS A 157 -20.22 -4.76 23.71
C HIS A 157 -18.74 -4.80 23.42
N ILE A 158 -17.97 -5.08 24.47
CA ILE A 158 -16.52 -5.13 24.33
C ILE A 158 -16.04 -6.58 24.40
N ARG A 159 -15.09 -6.90 23.53
CA ARG A 159 -14.44 -8.19 23.55
CA ARG A 159 -14.44 -8.19 23.54
C ARG A 159 -12.96 -8.02 23.85
N HIS A 160 -12.54 -8.56 24.99
CA HIS A 160 -11.14 -8.48 25.41
C HIS A 160 -10.29 -9.37 24.52
N GLY A 161 -9.18 -8.84 24.02
CA GLY A 161 -8.22 -9.62 23.25
C GLY A 161 -7.32 -10.35 24.22
N ASN A 162 -6.19 -9.72 24.55
CA ASN A 162 -5.24 -10.26 25.51
C ASN A 162 -4.61 -9.16 26.37
N GLY A 163 -4.45 -9.44 27.66
CA GLY A 163 -3.62 -8.60 28.52
C GLY A 163 -4.35 -7.70 29.50
N ARG A 164 -3.57 -7.13 30.42
CA ARG A 164 -4.10 -6.29 31.50
C ARG A 164 -3.19 -5.11 31.79
N ARG A 165 -2.13 -4.96 30.99
CA ARG A 165 -1.06 -4.00 31.26
C ARG A 165 -1.37 -2.58 30.80
N LEU A 166 -1.14 -1.64 31.71
CA LEU A 166 -1.35 -0.21 31.54
C LEU A 166 -0.18 0.52 32.21
N ILE A 167 0.34 1.56 31.55
CA ILE A 167 1.32 2.43 32.19
C ILE A 167 0.73 3.82 32.41
N LEU A 168 0.80 4.30 33.65
CA LEU A 168 0.26 5.61 34.00
C LEU A 168 1.38 6.55 34.40
N GLY A 169 1.24 7.83 34.05
CA GLY A 169 2.24 8.82 34.41
C GLY A 169 1.77 10.26 34.34
N GLU A 170 2.45 11.11 35.12
CA GLU A 170 2.20 12.55 35.12
C GLU A 170 2.91 13.22 33.95
N PRO A 171 2.18 14.03 33.17
CA PRO A 171 2.73 14.79 32.05
C PRO A 171 3.95 15.63 32.43
N ALA A 172 3.88 16.27 33.60
CA ALA A 172 5.01 17.04 34.14
C ALA A 172 6.17 16.15 34.57
N GLY A 173 5.88 14.91 34.94
CA GLY A 173 6.90 13.95 35.34
C GLY A 173 6.85 13.60 36.81
N GLY A 174 7.44 12.46 37.16
CA GLY A 174 7.59 12.02 38.54
C GLY A 174 6.31 11.59 39.25
N ALA A 175 6.49 11.11 40.48
CA ALA A 175 5.40 10.60 41.30
C ALA A 175 4.48 11.73 41.78
N SER A 176 3.25 11.35 42.13
CA SER A 176 2.27 12.24 42.74
C SER A 176 1.24 11.40 43.49
N PRO A 177 0.63 11.96 44.56
CA PRO A 177 -0.47 11.29 45.26
C PRO A 177 -1.59 10.73 44.35
N ARG A 178 -2.03 11.54 43.38
CA ARG A 178 -3.12 11.12 42.51
C ARG A 178 -2.72 10.00 41.53
N LEU A 179 -1.44 9.95 41.14
CA LEU A 179 -0.92 8.87 40.30
C LEU A 179 -0.98 7.52 41.02
N ALA A 180 -0.67 7.52 42.32
CA ALA A 180 -0.75 6.33 43.14
C ALA A 180 -2.19 5.91 43.41
N SER A 181 -3.10 6.87 43.54
CA SER A 181 -4.52 6.56 43.76
C SER A 181 -5.21 6.04 42.49
N ILE A 182 -4.89 6.64 41.34
CA ILE A 182 -5.41 6.18 40.04
C ILE A 182 -4.91 4.76 39.73
N ALA A 183 -3.62 4.51 39.98
CA ALA A 183 -3.04 3.18 39.76
C ALA A 183 -3.67 2.13 40.64
N ALA A 184 -3.89 2.48 41.91
CA ALA A 184 -4.53 1.56 42.85
C ALA A 184 -5.98 1.28 42.47
N LEU A 185 -6.69 2.31 41.99
CA LEU A 185 -8.06 2.14 41.49
C LEU A 185 -8.09 1.11 40.33
N PHE A 186 -7.26 1.34 39.32
CA PHE A 186 -7.12 0.44 38.17
C PHE A 186 -6.66 -0.97 38.60
N GLY A 187 -5.71 -1.01 39.53
CA GLY A 187 -5.26 -2.25 40.17
C GLY A 187 -6.36 -3.07 40.81
N ARG A 188 -7.29 -2.40 41.49
CA ARG A 188 -8.44 -3.05 42.10
C ARG A 188 -9.42 -3.59 41.04
N ALA A 189 -9.33 -3.08 39.82
CA ALA A 189 -10.20 -3.50 38.72
C ALA A 189 -9.54 -4.56 37.82
N GLY A 190 -8.45 -5.16 38.31
CA GLY A 190 -7.80 -6.27 37.63
C GLY A 190 -6.82 -5.82 36.57
N LEU A 191 -6.55 -4.51 36.54
CA LEU A 191 -5.57 -4.01 35.61
C LEU A 191 -4.22 -4.02 36.31
N GLN A 192 -3.18 -4.41 35.58
CA GLN A 192 -1.84 -4.38 36.11
C GLN A 192 -1.28 -3.01 35.75
N ALA A 193 -1.62 -2.04 36.59
CA ALA A 193 -1.30 -0.65 36.32
C ALA A 193 0.08 -0.33 36.88
N GLU A 194 0.98 0.08 35.99
CA GLU A 194 2.35 0.41 36.36
C GLU A 194 2.56 1.90 36.26
N CYS A 195 3.42 2.42 37.13
CA CYS A 195 3.64 3.86 37.21
C CYS A 195 4.96 4.26 36.59
N SER A 196 4.90 5.25 35.71
CA SER A 196 6.09 5.78 35.04
C SER A 196 6.55 7.09 35.68
N GLU A 197 7.86 7.34 35.62
CA GLU A 197 8.43 8.61 36.08
C GLU A 197 8.53 9.63 34.96
N ALA A 198 8.51 9.15 33.71
CA ALA A 198 8.42 10.01 32.53
C ALA A 198 7.61 9.30 31.43
N ILE A 199 6.30 9.52 31.45
CA ILE A 199 5.35 8.82 30.57
C ILE A 199 5.60 9.09 29.08
N GLN A 200 6.25 10.21 28.77
CA GLN A 200 6.61 10.59 27.42
C GLN A 200 7.52 9.57 26.77
N ARG A 201 8.34 8.94 27.60
CA ARG A 201 9.29 7.93 27.16
C ARG A 201 8.62 6.58 26.89
N ASP A 202 7.49 6.31 27.57
CA ASP A 202 6.71 5.11 27.29
C ASP A 202 5.79 5.31 26.09
N ILE A 203 5.40 6.56 25.85
CA ILE A 203 4.62 6.94 24.67
C ILE A 203 5.49 6.77 23.41
N TRP A 204 6.71 7.31 23.46
CA TRP A 204 7.62 7.26 22.32
C TRP A 204 8.10 5.85 22.01
N PHE A 205 8.39 5.06 23.04
CA PHE A 205 8.84 3.68 22.88
C PHE A 205 7.79 2.80 22.18
N LYS A 206 6.54 2.88 22.64
CA LYS A 206 5.44 2.12 22.04
C LYS A 206 5.22 2.58 20.61
N LEU A 207 5.29 3.90 20.41
CA LEU A 207 5.14 4.50 19.09
C LEU A 207 6.24 4.03 18.14
N TRP A 208 7.48 4.05 18.61
CA TRP A 208 8.65 3.72 17.79
C TRP A 208 8.60 2.30 17.21
N GLY A 209 8.12 1.34 18.01
CA GLY A 209 7.99 -0.05 17.56
C GLY A 209 6.67 -0.38 16.88
N ASN A 210 5.80 0.61 16.73
CA ASN A 210 4.50 0.44 16.09
C ASN A 210 4.27 1.40 14.94
N MET A 211 5.17 2.35 14.76
CA MET A 211 4.97 3.48 13.85
C MET A 211 4.94 3.10 12.37
N THR A 212 5.76 2.13 12.00
CA THR A 212 5.77 1.65 10.63
C THR A 212 4.76 0.53 10.47
N MET A 213 4.67 -0.34 11.48
CA MET A 213 3.85 -1.56 11.42
C MET A 213 2.37 -1.34 11.13
N ASN A 214 1.79 -0.27 11.68
CA ASN A 214 0.38 0.06 11.45
C ASN A 214 0.05 0.50 10.01
N PRO A 215 0.70 1.57 9.48
CA PRO A 215 0.46 1.94 8.08
C PRO A 215 0.93 0.92 7.03
N VAL A 216 2.00 0.18 7.34
CA VAL A 216 2.49 -0.87 6.44
C VAL A 216 1.45 -1.97 6.27
N SER A 217 0.82 -2.36 7.38
CA SER A 217 -0.20 -3.41 7.37
C SER A 217 -1.48 -3.02 6.62
N VAL A 218 -1.81 -1.72 6.54
CA VAL A 218 -3.02 -1.33 5.80
C VAL A 218 -2.82 -1.10 4.30
N LEU A 219 -1.64 -0.61 3.94
CA LEU A 219 -1.18 -0.43 2.55
C LEU A 219 -0.98 -1.72 1.81
N THR A 220 -0.60 -2.74 2.53
CA THR A 220 -0.32 -4.07 1.99
C THR A 220 -1.46 -5.06 2.28
N GLY A 221 -1.95 -5.07 3.51
CA GLY A 221 -2.99 -6.02 3.93
C GLY A 221 -2.40 -7.25 4.58
N ALA A 222 -1.08 -7.25 4.76
CA ALA A 222 -0.36 -8.40 5.30
C ALA A 222 -0.48 -8.48 6.82
N THR A 223 -0.34 -9.70 7.34
CA THR A 223 -0.20 -9.93 8.77
C THR A 223 1.20 -9.50 9.22
N CYS A 224 1.38 -9.33 10.52
CA CYS A 224 2.63 -8.78 11.07
C CYS A 224 3.87 -9.65 10.87
N ASP A 225 3.67 -10.95 10.69
CA ASP A 225 4.79 -11.86 10.41
C ASP A 225 5.26 -11.77 8.96
N ARG A 226 4.31 -11.59 8.04
CA ARG A 226 4.61 -11.44 6.62
C ARG A 226 5.37 -10.16 6.27
N ILE A 227 5.14 -9.12 7.07
CA ILE A 227 5.83 -7.84 6.94
C ILE A 227 7.32 -7.98 7.31
N LEU A 228 7.59 -8.65 8.42
CA LEU A 228 8.96 -8.75 8.92
C LEU A 228 9.78 -9.85 8.25
N ASP A 229 9.10 -10.76 7.56
CA ASP A 229 9.77 -11.81 6.78
C ASP A 229 10.33 -11.27 5.45
N ASP A 230 9.54 -10.45 4.76
CA ASP A 230 9.94 -9.81 3.51
C ASP A 230 11.06 -8.79 3.79
N PRO A 231 12.28 -9.06 3.28
CA PRO A 231 13.50 -8.33 3.66
C PRO A 231 13.59 -6.90 3.14
N LEU A 232 12.76 -6.55 2.16
CA LEU A 232 12.80 -5.22 1.57
C LEU A 232 11.86 -4.25 2.28
N VAL A 233 10.67 -4.72 2.65
CA VAL A 233 9.77 -3.92 3.49
C VAL A 233 10.31 -3.84 4.93
N SER A 234 10.96 -4.92 5.40
CA SER A 234 11.69 -4.93 6.66
C SER A 234 12.73 -3.82 6.75
N ALA A 235 13.51 -3.65 5.67
CA ALA A 235 14.52 -2.59 5.60
C ALA A 235 13.90 -1.19 5.53
N PHE A 236 12.68 -1.08 5.03
CA PHE A 236 11.95 0.19 5.04
C PHE A 236 11.50 0.53 6.46
N CYS A 237 11.05 -0.49 7.19
CA CYS A 237 10.65 -0.35 8.58
C CYS A 237 11.79 0.12 9.47
N LEU A 238 12.94 -0.54 9.38
CA LEU A 238 14.15 -0.14 10.13
C LEU A 238 14.61 1.29 9.82
N ALA A 239 14.44 1.71 8.58
CA ALA A 239 14.74 3.08 8.15
C ALA A 239 13.79 4.11 8.80
N VAL A 240 12.49 3.82 8.77
CA VAL A 240 11.48 4.68 9.40
C VAL A 240 11.71 4.77 10.91
N MET A 241 11.99 3.62 11.53
CA MET A 241 12.33 3.51 12.96
C MET A 241 13.58 4.32 13.34
N ALA A 242 14.57 4.35 12.44
CA ALA A 242 15.80 5.14 12.64
C ALA A 242 15.53 6.65 12.64
N GLU A 243 14.59 7.07 11.80
CA GLU A 243 14.14 8.46 11.77
C GLU A 243 13.38 8.81 13.07
N ALA A 244 12.54 7.88 13.52
CA ALA A 244 11.78 8.03 14.77
C ALA A 244 12.67 8.08 16.01
N LYS A 245 13.73 7.27 16.00
CA LYS A 245 14.69 7.20 17.10
C LYS A 245 15.54 8.47 17.17
N ALA A 246 15.85 9.03 16.01
CA ALA A 246 16.59 10.28 15.91
C ALA A 246 15.76 11.45 16.42
N ILE A 247 14.46 11.41 16.12
CA ILE A 247 13.52 12.42 16.62
C ILE A 247 13.35 12.26 18.14
N GLY A 248 13.28 11.02 18.59
CA GLY A 248 13.09 10.68 20.01
C GLY A 248 14.22 11.06 20.93
N ALA A 249 15.45 10.76 20.51
CA ALA A 249 16.66 11.07 21.30
C ALA A 249 16.86 12.57 21.50
N ARG A 250 16.25 13.38 20.63
CA ARG A 250 16.36 14.83 20.67
C ARG A 250 15.21 15.52 21.42
N ILE A 251 14.15 14.77 21.74
CA ILE A 251 13.01 15.32 22.46
C ILE A 251 12.87 14.77 23.88
N GLY A 252 13.92 14.13 24.37
CA GLY A 252 13.96 13.64 25.74
C GLY A 252 13.66 12.16 25.91
N CYS A 253 13.42 11.45 24.82
CA CYS A 253 13.14 10.01 24.89
C CYS A 253 14.15 9.18 24.10
N PRO A 254 15.37 8.98 24.66
CA PRO A 254 16.30 8.10 23.93
C PRO A 254 15.88 6.64 24.07
N ILE A 255 16.01 5.88 22.98
CA ILE A 255 15.60 4.48 22.95
C ILE A 255 16.83 3.58 23.04
N GLU A 256 16.80 2.64 23.98
CA GLU A 256 17.91 1.72 24.19
C GLU A 256 17.91 0.57 23.18
N GLN A 257 16.71 0.02 22.92
CA GLN A 257 16.54 -1.12 22.03
C GLN A 257 16.83 -0.76 20.57
N SER A 258 17.48 -1.68 19.85
CA SER A 258 17.71 -1.53 18.41
C SER A 258 16.46 -1.91 17.65
N GLY A 259 16.27 -1.31 16.47
CA GLY A 259 15.10 -1.55 15.63
C GLY A 259 14.89 -2.97 15.16
N GLU A 260 16.01 -3.68 14.95
CA GLU A 260 16.01 -5.06 14.51
C GLU A 260 15.59 -6.01 15.62
N ALA A 261 16.02 -5.70 16.85
CA ALA A 261 15.65 -6.48 18.05
C ALA A 261 14.17 -6.31 18.43
N ARG A 262 13.65 -5.09 18.26
CA ARG A 262 12.23 -4.78 18.48
C ARG A 262 11.35 -5.47 17.44
N SER A 263 11.85 -5.57 16.21
CA SER A 263 11.18 -6.28 15.12
C SER A 263 11.07 -7.79 15.34
N ALA A 264 12.02 -8.34 16.10
CA ALA A 264 12.02 -9.76 16.47
C ALA A 264 10.90 -10.08 17.47
N VAL A 265 10.57 -9.13 18.33
CA VAL A 265 9.50 -9.27 19.32
C VAL A 265 8.12 -9.24 18.63
N THR A 266 8.01 -8.41 17.61
CA THR A 266 6.73 -8.19 16.91
C THR A 266 6.32 -9.37 16.03
N ARG A 267 7.30 -10.05 15.42
CA ARG A 267 7.03 -11.20 14.56
C ARG A 267 6.71 -12.48 15.34
N GLN A 268 7.14 -12.52 16.61
CA GLN A 268 6.87 -13.65 17.50
C GLN A 268 5.49 -13.58 18.15
N LEU A 269 4.76 -12.50 17.90
CA LEU A 269 3.37 -12.36 18.33
C LEU A 269 2.43 -13.23 17.48
N GLY A 270 2.89 -13.57 16.28
CA GLY A 270 2.14 -14.45 15.37
C GLY A 270 1.75 -13.77 14.08
N ALA A 271 0.79 -14.36 13.38
CA ALA A 271 0.27 -13.79 12.14
C ALA A 271 -1.04 -13.05 12.41
N PHE A 272 -0.96 -12.01 13.23
CA PHE A 272 -2.13 -11.21 13.57
C PHE A 272 -2.02 -9.75 13.11
N LYS A 273 -3.17 -9.17 12.79
CA LYS A 273 -3.29 -7.83 12.23
C LYS A 273 -3.05 -6.72 13.26
N THR A 274 -3.08 -5.47 12.80
CA THR A 274 -2.90 -4.31 13.65
C THR A 274 -4.24 -3.66 14.03
N SER A 275 -4.18 -2.61 14.83
CA SER A 275 -5.36 -1.82 15.18
C SER A 275 -5.83 -0.95 14.02
N MET A 276 -4.91 -0.61 13.12
CA MET A 276 -5.24 0.12 11.89
C MET A 276 -6.04 -0.73 10.90
N LEU A 277 -5.69 -2.01 10.78
CA LEU A 277 -6.50 -2.95 10.00
C LEU A 277 -7.81 -3.26 10.73
N GLN A 278 -7.70 -3.70 11.98
CA GLN A 278 -8.86 -4.03 12.81
C GLN A 278 -8.79 -3.29 14.15
N ARG A 284 -14.27 0.05 9.03
CA ARG A 284 -14.67 1.45 8.90
C ARG A 284 -14.05 2.33 9.99
N GLY A 285 -14.37 3.62 9.94
CA GLY A 285 -13.85 4.61 10.89
C GLY A 285 -12.57 5.25 10.38
N PRO A 286 -12.42 6.57 10.57
CA PRO A 286 -11.21 7.30 10.15
C PRO A 286 -9.94 6.74 10.81
N LEU A 287 -8.95 6.41 9.98
CA LEU A 287 -7.70 5.86 10.48
C LEU A 287 -6.84 6.90 11.19
N GLU A 288 -6.12 6.45 12.22
CA GLU A 288 -5.37 7.33 13.12
C GLU A 288 -4.01 7.74 12.55
N ILE A 289 -4.00 8.07 11.26
CA ILE A 289 -2.78 8.38 10.51
C ILE A 289 -2.11 9.65 11.04
N ASP A 290 -2.94 10.65 11.35
CA ASP A 290 -2.48 11.92 11.90
C ASP A 290 -1.71 11.78 13.21
N ALA A 291 -2.32 11.13 14.20
CA ALA A 291 -1.69 10.92 15.52
C ALA A 291 -0.45 10.02 15.48
N LEU A 292 -0.49 9.00 14.63
CA LEU A 292 0.57 8.00 14.55
C LEU A 292 1.73 8.39 13.63
N VAL A 293 1.43 9.04 12.50
CA VAL A 293 2.45 9.33 11.47
C VAL A 293 2.74 10.82 11.27
N ALA A 294 1.70 11.61 11.05
CA ALA A 294 1.84 13.03 10.73
C ALA A 294 2.48 13.83 11.88
N SER A 295 2.15 13.43 13.11
CA SER A 295 2.71 14.04 14.31
C SER A 295 4.23 13.89 14.40
N VAL A 296 4.74 12.68 14.13
CA VAL A 296 6.18 12.40 14.17
C VAL A 296 6.94 13.16 13.08
N ARG A 297 6.34 13.28 11.90
CA ARG A 297 6.89 14.07 10.81
C ARG A 297 6.97 15.54 11.22
N GLU A 298 5.91 16.02 11.87
CA GLU A 298 5.84 17.39 12.37
C GLU A 298 6.90 17.68 13.44
N ILE A 299 7.08 16.74 14.37
CA ILE A 299 8.10 16.87 15.43
C ILE A 299 9.51 16.85 14.83
N GLY A 300 9.70 16.04 13.79
CA GLY A 300 10.98 15.99 13.06
C GLY A 300 11.34 17.30 12.40
N LEU A 301 10.33 17.97 11.83
CA LEU A 301 10.50 19.26 11.16
C LEU A 301 10.88 20.36 12.14
N HIS A 302 10.33 20.29 13.35
CA HIS A 302 10.71 21.16 14.46
C HIS A 302 12.12 20.85 15.00
N VAL A 303 12.44 19.57 15.15
CA VAL A 303 13.68 19.16 15.83
C VAL A 303 14.89 19.00 14.89
N GLY A 304 14.69 19.26 13.60
CA GLY A 304 15.78 19.31 12.63
C GLY A 304 16.11 18.02 11.89
N VAL A 305 15.54 16.91 12.35
CA VAL A 305 15.77 15.60 11.73
C VAL A 305 14.94 15.47 10.44
N PRO A 306 15.62 15.20 9.31
CA PRO A 306 14.93 14.98 8.02
C PRO A 306 14.15 13.66 8.04
N THR A 307 13.01 13.63 7.35
CA THR A 307 12.14 12.44 7.38
C THR A 307 11.62 11.91 6.03
N PRO A 308 12.52 11.66 5.03
CA PRO A 308 12.00 11.19 3.74
C PRO A 308 11.36 9.79 3.77
N GLN A 309 11.82 8.92 4.66
CA GLN A 309 11.22 7.59 4.83
C GLN A 309 9.81 7.69 5.43
N ILE A 310 9.66 8.53 6.47
CA ILE A 310 8.34 8.80 7.08
C ILE A 310 7.40 9.54 6.10
N ASP A 311 7.95 10.46 5.31
CA ASP A 311 7.19 11.20 4.28
C ASP A 311 6.54 10.29 3.24
N THR A 312 7.32 9.32 2.75
CA THR A 312 6.87 8.31 1.81
C THR A 312 5.76 7.45 2.43
N LEU A 313 6.00 7.01 3.67
CA LEU A 313 5.03 6.22 4.41
C LEU A 313 3.70 6.95 4.63
N LEU A 314 3.79 8.23 5.02
CA LEU A 314 2.61 9.07 5.25
C LEU A 314 1.80 9.33 3.98
N GLY A 315 2.49 9.67 2.89
CA GLY A 315 1.82 10.00 1.64
C GLY A 315 1.03 8.84 1.08
N LEU A 316 1.65 7.66 1.13
CA LEU A 316 1.09 6.44 0.55
C LEU A 316 -0.11 5.95 1.35
N VAL A 317 -0.02 6.01 2.67
CA VAL A 317 -1.09 5.54 3.55
C VAL A 317 -2.26 6.52 3.64
N ARG A 318 -2.00 7.82 3.50
CA ARG A 318 -3.11 8.78 3.48
C ARG A 318 -3.92 8.69 2.20
N LEU A 319 -3.26 8.41 1.07
CA LEU A 319 -3.93 8.21 -0.21
C LEU A 319 -4.66 6.88 -0.31
N HIS A 320 -4.10 5.84 0.31
CA HIS A 320 -4.76 4.54 0.44
C HIS A 320 -6.08 4.65 1.23
N ALA A 321 -6.05 5.46 2.28
CA ALA A 321 -7.21 5.68 3.12
C ALA A 321 -8.16 6.75 2.57
N GLN A 322 -7.63 7.67 1.76
CA GLN A 322 -8.45 8.70 1.11
C GLN A 322 -9.31 8.12 -0.01
N THR A 323 -8.80 7.07 -0.66
CA THR A 323 -9.53 6.32 -1.69
C THR A 323 -10.77 5.65 -1.09
N ARG A 324 -10.61 5.10 0.12
CA ARG A 324 -11.72 4.58 0.91
C ARG A 324 -12.33 5.73 1.73
N GLY A 325 -13.18 5.40 2.70
CA GLY A 325 -13.73 6.40 3.60
C GLY A 325 -13.02 6.41 4.94
N LEU A 326 -11.69 6.42 4.90
CA LEU A 326 -10.88 6.23 6.11
C LEU A 326 -9.96 7.41 6.44
N TYR A 327 -10.08 8.49 5.67
CA TYR A 327 -9.27 9.70 5.84
C TYR A 327 -9.93 10.86 5.10
N SER B 2 1.42 -16.23 -50.97
CA SER B 2 0.19 -15.49 -50.73
C SER B 2 -0.42 -15.83 -49.41
N LEU B 3 -0.24 -14.91 -48.47
CA LEU B 3 -0.87 -14.89 -47.16
C LEU B 3 -0.05 -15.42 -46.00
N THR B 4 0.38 -14.46 -45.20
CA THR B 4 1.17 -14.63 -44.02
C THR B 4 0.48 -15.53 -43.02
N ARG B 5 1.23 -16.44 -42.46
CA ARG B 5 0.77 -17.25 -41.34
C ARG B 5 1.03 -16.49 -40.04
N ILE B 6 -0.05 -15.99 -39.43
CA ILE B 6 0.02 -15.19 -38.20
C ILE B 6 -0.60 -15.94 -37.02
N CYS B 7 0.12 -16.03 -35.90
CA CYS B 7 -0.43 -16.60 -34.66
C CYS B 7 -0.28 -15.64 -33.48
N ILE B 8 -1.37 -15.44 -32.75
CA ILE B 8 -1.33 -14.71 -31.48
C ILE B 8 -1.13 -15.68 -30.31
N VAL B 9 -0.17 -15.39 -29.45
CA VAL B 9 0.03 -16.13 -28.22
C VAL B 9 -0.27 -15.22 -27.03
N GLY B 10 -1.45 -15.38 -26.45
CA GLY B 10 -1.87 -14.55 -25.32
C GLY B 10 -2.80 -13.50 -25.86
N ALA B 11 -4.05 -13.91 -26.08
CA ALA B 11 -5.11 -13.04 -26.58
C ALA B 11 -5.69 -12.13 -25.48
N GLY B 12 -4.82 -11.59 -24.64
CA GLY B 12 -5.19 -10.63 -23.60
C GLY B 12 -5.37 -9.25 -24.20
N ALA B 13 -5.32 -8.24 -23.34
CA ALA B 13 -5.51 -6.85 -23.77
C ALA B 13 -4.73 -6.48 -25.04
N VAL B 14 -3.42 -6.68 -25.05
CA VAL B 14 -2.59 -6.28 -26.19
C VAL B 14 -2.60 -7.28 -27.36
N GLY B 15 -2.29 -8.54 -27.07
CA GLY B 15 -2.20 -9.59 -28.11
C GLY B 15 -3.51 -9.74 -28.86
N GLY B 16 -4.61 -9.77 -28.10
CA GLY B 16 -5.96 -9.89 -28.67
C GLY B 16 -6.36 -8.67 -29.46
N TYR B 17 -5.92 -7.49 -29.02
CA TYR B 17 -6.16 -6.26 -29.77
C TYR B 17 -5.47 -6.30 -31.13
N LEU B 18 -4.18 -6.60 -31.10
CA LEU B 18 -3.37 -6.72 -32.31
C LEU B 18 -3.93 -7.78 -33.24
N GLY B 19 -4.35 -8.91 -32.69
CA GLY B 19 -4.96 -9.98 -33.51
C GLY B 19 -6.25 -9.54 -34.18
N ALA B 20 -7.07 -8.77 -33.47
CA ALA B 20 -8.34 -8.30 -34.01
C ALA B 20 -8.15 -7.28 -35.09
N ARG B 21 -7.20 -6.37 -34.92
CA ARG B 21 -6.86 -5.42 -35.97
C ARG B 21 -6.41 -6.13 -37.25
N LEU B 22 -5.58 -7.18 -37.11
CA LEU B 22 -5.09 -7.93 -38.28
C LEU B 22 -6.20 -8.68 -38.97
N ALA B 23 -7.07 -9.28 -38.16
CA ALA B 23 -8.25 -9.99 -38.65
C ALA B 23 -9.25 -9.04 -39.33
N LEU B 24 -9.45 -7.85 -38.76
CA LEU B 24 -10.27 -6.81 -39.40
C LEU B 24 -9.70 -6.38 -40.75
N ALA B 25 -8.37 -6.42 -40.85
CA ALA B 25 -7.70 -6.07 -42.10
C ALA B 25 -7.72 -7.21 -43.13
N GLY B 26 -8.39 -8.32 -42.79
CA GLY B 26 -8.55 -9.43 -43.70
C GLY B 26 -7.46 -10.48 -43.61
N GLU B 27 -6.58 -10.39 -42.61
CA GLU B 27 -5.59 -11.43 -42.41
C GLU B 27 -6.24 -12.64 -41.74
N ALA B 28 -5.71 -13.83 -42.04
CA ALA B 28 -6.14 -15.04 -41.35
C ALA B 28 -5.33 -15.09 -40.08
N ILE B 29 -6.01 -15.16 -38.94
CA ILE B 29 -5.24 -15.20 -37.72
C ILE B 29 -5.51 -16.45 -36.90
N ASN B 30 -4.42 -17.10 -36.52
CA ASN B 30 -4.40 -18.20 -35.57
C ASN B 30 -4.16 -17.69 -34.15
N VAL B 31 -4.69 -18.40 -33.18
CA VAL B 31 -4.42 -18.10 -31.77
C VAL B 31 -4.03 -19.39 -31.05
N LEU B 32 -2.92 -19.35 -30.31
CA LEU B 32 -2.61 -20.40 -29.34
C LEU B 32 -3.12 -19.95 -27.99
N ALA B 33 -4.16 -20.63 -27.49
CA ALA B 33 -4.78 -20.29 -26.21
C ALA B 33 -5.07 -21.54 -25.36
N ARG B 34 -5.51 -21.30 -24.13
CA ARG B 34 -5.87 -22.37 -23.18
C ARG B 34 -7.15 -21.96 -22.44
N GLY B 35 -7.77 -22.93 -21.76
CA GLY B 35 -8.87 -22.66 -20.83
C GLY B 35 -10.09 -21.94 -21.38
N ALA B 36 -10.52 -20.93 -20.64
CA ALA B 36 -11.73 -20.17 -20.96
C ALA B 36 -11.57 -19.21 -22.15
N THR B 37 -10.37 -18.66 -22.31
CA THR B 37 -10.03 -17.87 -23.49
C THR B 37 -10.13 -18.73 -24.75
N LEU B 38 -9.54 -19.92 -24.72
CA LEU B 38 -9.61 -20.85 -25.84
C LEU B 38 -11.05 -21.24 -26.21
N GLN B 39 -11.84 -21.59 -25.21
CA GLN B 39 -13.24 -21.97 -25.42
C GLN B 39 -14.08 -20.85 -26.00
N ALA B 40 -13.93 -19.64 -25.47
CA ALA B 40 -14.66 -18.48 -25.98
C ALA B 40 -14.28 -18.13 -27.42
N LEU B 41 -12.99 -18.20 -27.73
CA LEU B 41 -12.48 -17.90 -29.08
C LEU B 41 -12.97 -18.91 -30.11
N GLN B 42 -12.88 -20.20 -29.75
CA GLN B 42 -13.36 -21.29 -30.61
C GLN B 42 -14.86 -21.24 -30.91
N THR B 43 -15.64 -20.80 -29.92
CA THR B 43 -17.10 -20.72 -30.03
C THR B 43 -17.63 -19.40 -30.63
N ALA B 44 -17.17 -18.26 -30.11
CA ALA B 44 -17.76 -16.97 -30.44
C ALA B 44 -16.85 -16.03 -31.24
N GLY B 45 -15.68 -16.53 -31.66
CA GLY B 45 -14.70 -15.72 -32.39
C GLY B 45 -13.91 -14.76 -31.51
N LEU B 46 -13.03 -13.98 -32.14
CA LEU B 46 -12.34 -12.90 -31.46
C LEU B 46 -13.24 -11.69 -31.54
N ARG B 47 -13.57 -11.14 -30.38
CA ARG B 47 -14.48 -10.01 -30.34
C ARG B 47 -13.75 -8.72 -29.94
N LEU B 48 -13.96 -7.68 -30.75
CA LEU B 48 -13.35 -6.37 -30.48
C LEU B 48 -14.39 -5.27 -30.43
N THR B 49 -14.45 -4.57 -29.30
CA THR B 49 -15.22 -3.35 -29.22
C THR B 49 -14.29 -2.15 -29.32
N GLU B 50 -14.54 -1.31 -30.33
CA GLU B 50 -13.76 -0.08 -30.57
C GLU B 50 -14.67 0.95 -31.21
N ASP B 51 -14.58 2.19 -30.70
CA ASP B 51 -15.39 3.32 -31.15
C ASP B 51 -16.90 3.04 -31.08
N GLY B 52 -17.31 2.26 -30.08
CA GLY B 52 -18.71 1.90 -29.89
C GLY B 52 -19.28 0.89 -30.89
N ALA B 53 -18.41 0.17 -31.59
CA ALA B 53 -18.84 -0.89 -32.49
C ALA B 53 -18.17 -2.20 -32.10
N THR B 54 -18.96 -3.27 -32.08
CA THR B 54 -18.44 -4.59 -31.71
C THR B 54 -18.26 -5.45 -32.97
N HIS B 55 -17.05 -5.99 -33.12
CA HIS B 55 -16.72 -6.84 -34.23
C HIS B 55 -16.54 -8.24 -33.68
N THR B 56 -17.06 -9.24 -34.40
CA THR B 56 -16.77 -10.63 -34.05
C THR B 56 -16.01 -11.24 -35.23
N LEU B 57 -14.84 -11.75 -34.94
CA LEU B 57 -13.88 -12.13 -35.97
C LEU B 57 -13.49 -13.59 -35.80
N PRO B 58 -13.85 -14.45 -36.75
CA PRO B 58 -13.43 -15.86 -36.63
C PRO B 58 -11.90 -15.98 -36.64
N VAL B 59 -11.38 -16.78 -35.74
CA VAL B 59 -9.96 -17.06 -35.68
C VAL B 59 -9.81 -18.57 -35.70
N ARG B 60 -8.59 -19.04 -35.93
CA ARG B 60 -8.35 -20.45 -35.77
C ARG B 60 -7.58 -20.64 -34.47
N ALA B 61 -8.33 -20.94 -33.40
CA ALA B 61 -7.78 -21.06 -32.05
C ALA B 61 -7.66 -22.51 -31.58
N THR B 62 -6.54 -22.83 -30.93
CA THR B 62 -6.23 -24.17 -30.47
C THR B 62 -5.24 -24.14 -29.32
N HIS B 63 -5.12 -25.27 -28.63
CA HIS B 63 -4.17 -25.48 -27.53
C HIS B 63 -2.89 -26.12 -28.07
N ASP B 64 -2.96 -26.59 -29.31
CA ASP B 64 -1.92 -27.43 -29.88
C ASP B 64 -1.13 -26.68 -30.95
N ALA B 65 0.09 -26.30 -30.61
CA ALA B 65 0.99 -25.60 -31.53
C ALA B 65 1.47 -26.46 -32.71
N ALA B 66 1.61 -27.76 -32.47
CA ALA B 66 2.02 -28.73 -33.50
C ALA B 66 1.04 -28.77 -34.68
N ALA B 67 -0.24 -28.64 -34.35
CA ALA B 67 -1.34 -28.60 -35.29
C ALA B 67 -1.32 -27.37 -36.18
N LEU B 68 -0.95 -26.22 -35.63
CA LEU B 68 -0.87 -24.98 -36.40
C LEU B 68 0.35 -25.01 -37.29
N GLY B 69 1.44 -25.57 -36.78
CA GLY B 69 2.69 -25.63 -37.52
C GLY B 69 3.40 -24.30 -37.56
N GLU B 70 4.46 -24.28 -38.35
CA GLU B 70 5.36 -23.12 -38.43
CA GLU B 70 5.38 -23.14 -38.50
C GLU B 70 4.66 -21.88 -38.95
N GLN B 71 4.89 -20.77 -38.25
CA GLN B 71 4.26 -19.51 -38.58
C GLN B 71 5.27 -18.55 -39.18
N ASP B 72 4.77 -17.53 -39.85
CA ASP B 72 5.60 -16.42 -40.35
C ASP B 72 5.75 -15.34 -39.29
N VAL B 73 4.64 -15.03 -38.61
CA VAL B 73 4.61 -13.95 -37.61
C VAL B 73 3.93 -14.49 -36.35
N VAL B 74 4.67 -14.51 -35.25
CA VAL B 74 4.10 -14.93 -33.96
C VAL B 74 4.08 -13.72 -33.02
N ILE B 75 2.91 -13.38 -32.53
CA ILE B 75 2.79 -12.21 -31.64
C ILE B 75 2.65 -12.68 -30.20
N VAL B 76 3.65 -12.36 -29.40
CA VAL B 76 3.71 -12.83 -28.03
C VAL B 76 3.50 -11.61 -27.11
N ALA B 77 2.34 -11.59 -26.47
CA ALA B 77 1.99 -10.54 -25.51
C ALA B 77 1.28 -11.20 -24.34
N VAL B 78 1.99 -12.09 -23.67
CA VAL B 78 1.52 -12.70 -22.44
C VAL B 78 2.13 -11.93 -21.28
N LYS B 79 1.60 -12.16 -20.07
CA LYS B 79 2.24 -11.65 -18.87
C LYS B 79 3.52 -12.44 -18.67
N ALA B 80 4.53 -11.75 -18.16
CA ALA B 80 5.88 -12.32 -17.92
C ALA B 80 6.01 -13.65 -17.15
N PRO B 81 5.26 -13.86 -16.04
CA PRO B 81 5.42 -15.14 -15.35
C PRO B 81 4.88 -16.35 -16.13
N ALA B 82 3.99 -16.10 -17.09
CA ALA B 82 3.47 -17.16 -17.96
C ALA B 82 4.37 -17.45 -19.16
N LEU B 83 5.42 -16.65 -19.37
CA LEU B 83 6.24 -16.81 -20.58
C LEU B 83 7.12 -18.06 -20.60
N GLU B 84 7.69 -18.46 -19.45
CA GLU B 84 8.49 -19.69 -19.36
C GLU B 84 7.77 -20.94 -19.84
N SER B 85 6.52 -21.10 -19.43
CA SER B 85 5.71 -22.24 -19.84
C SER B 85 5.26 -22.09 -21.30
N VAL B 86 4.94 -20.86 -21.68
CA VAL B 86 4.48 -20.55 -23.04
C VAL B 86 5.57 -20.75 -24.10
N ALA B 87 6.80 -20.36 -23.77
CA ALA B 87 7.91 -20.38 -24.73
C ALA B 87 8.27 -21.79 -25.21
N ALA B 88 8.22 -22.76 -24.31
CA ALA B 88 8.44 -24.16 -24.69
C ALA B 88 7.25 -24.70 -25.48
N GLY B 89 6.06 -24.19 -25.16
CA GLY B 89 4.82 -24.55 -25.85
C GLY B 89 4.69 -23.99 -27.26
N ILE B 90 5.47 -22.96 -27.59
CA ILE B 90 5.40 -22.39 -28.94
C ILE B 90 6.42 -22.90 -29.95
N ALA B 91 7.25 -23.87 -29.53
CA ALA B 91 8.27 -24.48 -30.41
C ALA B 91 7.85 -24.86 -31.85
N PRO B 92 6.70 -25.54 -32.04
CA PRO B 92 6.27 -25.84 -33.40
C PRO B 92 5.87 -24.64 -34.27
N LEU B 93 5.64 -23.48 -33.66
CA LEU B 93 5.25 -22.28 -34.40
C LEU B 93 6.46 -21.58 -35.01
N ILE B 94 7.62 -21.88 -34.47
CA ILE B 94 8.83 -21.17 -34.85
C ILE B 94 9.73 -21.96 -35.81
N GLY B 95 9.74 -21.51 -37.06
CA GLY B 95 10.61 -22.06 -38.08
C GLY B 95 11.80 -21.13 -38.30
N PRO B 96 12.70 -21.51 -39.21
CA PRO B 96 13.90 -20.72 -39.54
C PRO B 96 13.63 -19.24 -39.83
N GLY B 97 12.54 -18.95 -40.53
CA GLY B 97 12.25 -17.57 -40.92
C GLY B 97 11.16 -16.87 -40.12
N THR B 98 10.69 -17.50 -39.05
CA THR B 98 9.61 -16.97 -38.20
C THR B 98 10.05 -15.72 -37.45
N CYS B 99 9.24 -14.67 -37.55
CA CYS B 99 9.47 -13.47 -36.76
C CYS B 99 8.57 -13.51 -35.54
N VAL B 100 9.18 -13.40 -34.38
CA VAL B 100 8.42 -13.39 -33.14
C VAL B 100 8.36 -11.94 -32.65
N VAL B 101 7.19 -11.34 -32.78
CA VAL B 101 6.99 -9.95 -32.33
C VAL B 101 6.60 -9.98 -30.86
N VAL B 102 7.46 -9.41 -30.03
CA VAL B 102 7.29 -9.52 -28.58
C VAL B 102 6.84 -8.18 -28.01
N ALA B 103 5.60 -8.13 -27.53
CA ALA B 103 5.04 -6.90 -27.00
C ALA B 103 4.65 -7.14 -25.55
N MET B 104 5.66 -7.08 -24.69
CA MET B 104 5.44 -7.33 -23.29
C MET B 104 5.86 -6.15 -22.43
N ASN B 105 5.33 -6.12 -21.21
CA ASN B 105 5.58 -5.03 -20.29
C ASN B 105 6.92 -5.18 -19.59
N GLY B 106 7.50 -4.06 -19.17
CA GLY B 106 8.72 -4.11 -18.37
C GLY B 106 9.93 -4.46 -19.21
N VAL B 107 10.91 -5.12 -18.59
CA VAL B 107 12.15 -5.50 -19.24
C VAL B 107 12.01 -6.92 -19.83
N PRO B 108 12.04 -7.02 -21.18
CA PRO B 108 11.92 -8.34 -21.81
C PRO B 108 13.21 -9.12 -21.68
N TRP B 109 13.16 -10.44 -21.85
CA TRP B 109 14.33 -11.31 -21.63
C TRP B 109 15.50 -10.99 -22.54
N TRP B 110 15.17 -10.50 -23.74
CA TRP B 110 16.16 -10.28 -24.79
C TRP B 110 16.85 -8.91 -24.69
N PHE B 111 16.39 -8.05 -23.77
CA PHE B 111 16.81 -6.63 -23.67
C PHE B 111 18.28 -6.39 -24.01
N PHE B 112 19.16 -7.13 -23.35
CA PHE B 112 20.60 -6.87 -23.44
C PHE B 112 21.31 -7.59 -24.56
N ASP B 113 20.55 -8.19 -25.48
CA ASP B 113 21.13 -8.85 -26.66
C ASP B 113 21.43 -7.86 -27.80
N ARG B 114 22.37 -6.95 -27.53
CA ARG B 114 22.82 -5.93 -28.46
C ARG B 114 24.20 -5.52 -27.95
N PRO B 115 25.09 -5.03 -28.84
CA PRO B 115 26.37 -4.53 -28.35
C PRO B 115 26.21 -3.35 -27.40
N GLY B 116 27.14 -3.22 -26.48
CA GLY B 116 27.04 -2.21 -25.42
C GLY B 116 27.21 -2.81 -24.04
N PRO B 117 27.02 -2.00 -23.00
CA PRO B 117 27.12 -2.44 -21.60
C PRO B 117 26.19 -3.61 -21.32
N LEU B 118 26.71 -4.61 -20.60
CA LEU B 118 25.96 -5.80 -20.19
C LEU B 118 25.45 -6.65 -21.36
N GLN B 119 26.16 -6.59 -22.48
CA GLN B 119 25.79 -7.34 -23.67
C GLN B 119 25.56 -8.79 -23.30
N GLY B 120 24.36 -9.28 -23.58
CA GLY B 120 24.00 -10.67 -23.28
C GLY B 120 23.61 -10.96 -21.84
N GLN B 121 23.25 -9.92 -21.09
CA GLN B 121 22.78 -10.10 -19.71
C GLN B 121 21.45 -10.82 -19.62
N ARG B 122 21.49 -12.04 -19.08
CA ARG B 122 20.28 -12.73 -18.75
C ARG B 122 19.89 -12.24 -17.36
N LEU B 123 18.60 -12.02 -17.14
CA LEU B 123 18.10 -11.55 -15.85
C LEU B 123 17.32 -12.65 -15.13
N GLN B 124 17.63 -12.84 -13.84
CA GLN B 124 17.00 -13.89 -13.04
C GLN B 124 15.56 -13.55 -12.68
N ALA B 125 15.21 -12.26 -12.71
CA ALA B 125 13.83 -11.82 -12.51
C ALA B 125 12.91 -12.13 -13.69
N VAL B 126 13.52 -12.47 -14.83
CA VAL B 126 12.79 -12.66 -16.08
C VAL B 126 12.94 -14.07 -16.68
N ASP B 127 14.18 -14.55 -16.74
CA ASP B 127 14.48 -15.83 -17.37
C ASP B 127 15.55 -16.61 -16.59
N PRO B 128 15.22 -17.03 -15.34
CA PRO B 128 16.21 -17.64 -14.43
C PRO B 128 16.94 -18.89 -14.94
N HIS B 129 16.24 -19.73 -15.70
CA HIS B 129 16.84 -20.97 -16.22
C HIS B 129 17.22 -20.90 -17.70
N GLY B 130 16.99 -19.75 -18.33
CA GLY B 130 17.32 -19.57 -19.75
C GLY B 130 16.41 -20.34 -20.69
N ARG B 131 15.24 -20.72 -20.19
CA ARG B 131 14.28 -21.55 -20.92
C ARG B 131 13.54 -20.75 -22.00
N ILE B 132 13.38 -19.44 -21.77
CA ILE B 132 12.77 -18.57 -22.77
C ILE B 132 13.78 -18.32 -23.89
N ALA B 133 15.03 -18.06 -23.51
CA ALA B 133 16.11 -17.80 -24.47
C ALA B 133 16.48 -19.03 -25.31
N GLN B 134 16.30 -20.22 -24.73
CA GLN B 134 16.49 -21.49 -25.46
C GLN B 134 15.37 -21.71 -26.48
N ALA B 135 14.16 -21.40 -26.06
CA ALA B 135 12.97 -21.65 -26.86
C ALA B 135 12.71 -20.57 -27.91
N ILE B 136 13.16 -19.35 -27.63
CA ILE B 136 13.01 -18.24 -28.59
C ILE B 136 14.35 -17.55 -28.77
N PRO B 137 15.21 -18.09 -29.66
CA PRO B 137 16.47 -17.45 -29.95
C PRO B 137 16.26 -16.01 -30.43
N THR B 138 17.15 -15.11 -30.02
CA THR B 138 16.98 -13.66 -30.24
C THR B 138 16.96 -13.24 -31.73
N ARG B 139 17.53 -14.06 -32.62
CA ARG B 139 17.50 -13.79 -34.07
CA ARG B 139 17.49 -13.73 -34.05
C ARG B 139 16.07 -13.69 -34.61
N HIS B 140 15.14 -14.39 -33.94
CA HIS B 140 13.73 -14.39 -34.34
C HIS B 140 12.92 -13.21 -33.85
N VAL B 141 13.44 -12.47 -32.88
CA VAL B 141 12.65 -11.50 -32.12
C VAL B 141 12.58 -10.13 -32.78
N LEU B 142 11.38 -9.57 -32.88
CA LEU B 142 11.23 -8.15 -33.10
C LEU B 142 10.59 -7.53 -31.84
N GLY B 143 11.22 -6.49 -31.28
CA GLY B 143 10.69 -5.81 -30.08
C GLY B 143 9.55 -4.85 -30.40
N CYS B 144 8.59 -4.72 -29.48
CA CYS B 144 7.41 -3.88 -29.68
C CYS B 144 7.04 -3.18 -28.36
N VAL B 145 7.01 -1.85 -28.39
CA VAL B 145 6.50 -1.06 -27.26
C VAL B 145 5.11 -0.56 -27.64
N VAL B 146 4.12 -0.85 -26.80
CA VAL B 146 2.74 -0.46 -27.04
C VAL B 146 2.40 0.85 -26.32
N HIS B 147 1.85 1.82 -27.04
CA HIS B 147 1.44 3.09 -26.41
C HIS B 147 -0.08 3.29 -26.38
N LEU B 148 -0.81 2.40 -27.04
CA LEU B 148 -2.26 2.39 -27.00
C LEU B 148 -2.75 1.66 -25.76
N THR B 149 -4.01 1.89 -25.41
CA THR B 149 -4.59 1.27 -24.24
C THR B 149 -5.75 0.39 -24.67
N CYS B 150 -5.90 -0.72 -23.97
CA CYS B 150 -7.07 -1.58 -24.08
C CYS B 150 -7.13 -2.50 -22.88
N ALA B 151 -8.25 -3.20 -22.79
CA ALA B 151 -8.52 -4.10 -21.71
C ALA B 151 -9.23 -5.32 -22.21
N THR B 152 -9.15 -6.38 -21.44
CA THR B 152 -9.86 -7.58 -21.75
C THR B 152 -11.17 -7.64 -20.98
N VAL B 153 -12.26 -7.37 -21.66
CA VAL B 153 -13.58 -7.51 -21.09
C VAL B 153 -13.78 -8.84 -20.43
N SER B 154 -14.15 -9.83 -21.23
CA SER B 154 -14.29 -11.20 -20.83
C SER B 154 -13.54 -12.00 -21.86
N PRO B 155 -13.04 -13.16 -21.47
CA PRO B 155 -12.20 -14.00 -22.31
C PRO B 155 -12.56 -13.97 -23.76
N GLY B 156 -11.58 -13.70 -24.59
CA GLY B 156 -11.80 -13.60 -26.03
C GLY B 156 -12.50 -12.34 -26.50
N HIS B 157 -12.74 -11.41 -25.57
CA HIS B 157 -13.39 -10.13 -25.90
C HIS B 157 -12.53 -8.96 -25.44
N ILE B 158 -12.10 -8.18 -26.42
CA ILE B 158 -11.18 -7.08 -26.21
C ILE B 158 -11.93 -5.76 -26.35
N ARG B 159 -11.72 -4.88 -25.37
CA ARG B 159 -12.29 -3.54 -25.42
CA ARG B 159 -12.27 -3.53 -25.41
C ARG B 159 -11.16 -2.49 -25.55
N HIS B 160 -11.14 -1.81 -26.68
CA HIS B 160 -10.12 -0.81 -26.96
C HIS B 160 -10.32 0.44 -26.11
N GLY B 161 -9.25 0.91 -25.48
CA GLY B 161 -9.29 2.13 -24.68
C GLY B 161 -9.13 3.35 -25.57
N ASN B 162 -7.88 3.70 -25.87
CA ASN B 162 -7.59 4.78 -26.80
C ASN B 162 -6.21 4.59 -27.42
N GLY B 163 -6.07 5.03 -28.66
CA GLY B 163 -4.77 5.03 -29.33
C GLY B 163 -4.57 3.93 -30.35
N ARG B 164 -3.57 4.13 -31.22
CA ARG B 164 -3.18 3.20 -32.27
C ARG B 164 -1.65 3.02 -32.36
N ARG B 165 -0.93 3.71 -31.48
CA ARG B 165 0.52 3.81 -31.53
C ARG B 165 1.29 2.61 -30.98
N LEU B 166 2.24 2.11 -31.79
CA LEU B 166 3.15 1.04 -31.44
C LEU B 166 4.54 1.45 -31.93
N ILE B 167 5.58 1.08 -31.19
CA ILE B 167 6.98 1.28 -31.66
C ILE B 167 7.62 -0.10 -31.87
N LEU B 168 8.18 -0.33 -33.06
CA LEU B 168 8.81 -1.60 -33.39
C LEU B 168 10.34 -1.44 -33.53
N GLY B 169 11.09 -2.48 -33.19
CA GLY B 169 12.53 -2.39 -33.38
C GLY B 169 13.24 -3.73 -33.29
N GLU B 170 14.42 -3.79 -33.92
CA GLU B 170 15.32 -4.95 -33.87
C GLU B 170 16.12 -4.92 -32.57
N PRO B 171 16.14 -6.04 -31.83
CA PRO B 171 16.98 -6.19 -30.63
C PRO B 171 18.43 -5.72 -30.81
N ALA B 172 19.05 -6.11 -31.93
CA ALA B 172 20.43 -5.72 -32.26
C ALA B 172 20.55 -4.25 -32.62
N GLY B 173 19.45 -3.62 -33.02
CA GLY B 173 19.44 -2.20 -33.37
C GLY B 173 19.33 -2.00 -34.86
N GLY B 174 18.93 -0.80 -35.27
CA GLY B 174 18.82 -0.44 -36.67
C GLY B 174 17.65 -1.05 -37.42
N ALA B 175 17.67 -0.88 -38.73
CA ALA B 175 16.58 -1.30 -39.60
C ALA B 175 16.80 -2.70 -40.13
N SER B 176 15.79 -3.23 -40.82
CA SER B 176 15.87 -4.52 -41.50
C SER B 176 14.68 -4.61 -42.47
N PRO B 177 14.72 -5.56 -43.44
CA PRO B 177 13.55 -5.80 -44.29
C PRO B 177 12.31 -6.25 -43.52
N ARG B 178 12.49 -7.13 -42.55
CA ARG B 178 11.36 -7.67 -41.81
C ARG B 178 10.76 -6.60 -40.88
N LEU B 179 11.58 -5.67 -40.39
CA LEU B 179 11.08 -4.54 -39.60
C LEU B 179 10.13 -3.66 -40.43
N ALA B 180 10.52 -3.36 -41.67
CA ALA B 180 9.70 -2.57 -42.57
C ALA B 180 8.44 -3.35 -43.01
N SER B 181 8.60 -4.65 -43.25
CA SER B 181 7.46 -5.49 -43.66
C SER B 181 6.43 -5.71 -42.53
N ILE B 182 6.90 -5.93 -41.31
CA ILE B 182 5.97 -6.04 -40.15
C ILE B 182 5.28 -4.70 -39.83
N ALA B 183 6.04 -3.60 -39.91
CA ALA B 183 5.48 -2.26 -39.71
C ALA B 183 4.39 -1.95 -40.72
N ALA B 184 4.59 -2.39 -41.97
CA ALA B 184 3.64 -2.14 -43.04
C ALA B 184 2.40 -2.98 -42.79
N LEU B 185 2.61 -4.21 -42.33
CA LEU B 185 1.50 -5.14 -42.00
C LEU B 185 0.60 -4.57 -40.91
N PHE B 186 1.23 -4.11 -39.82
CA PHE B 186 0.52 -3.49 -38.69
C PHE B 186 -0.17 -2.17 -39.10
N GLY B 187 0.55 -1.39 -39.91
CA GLY B 187 0.02 -0.21 -40.61
C GLY B 187 -1.28 -0.45 -41.37
N ARG B 188 -1.31 -1.51 -42.18
CA ARG B 188 -2.54 -1.91 -42.90
C ARG B 188 -3.66 -2.32 -41.95
N ALA B 189 -3.28 -2.77 -40.75
CA ALA B 189 -4.26 -3.18 -39.74
C ALA B 189 -4.72 -1.98 -38.90
N GLY B 190 -4.27 -0.78 -39.26
CA GLY B 190 -4.72 0.44 -38.60
C GLY B 190 -3.88 0.91 -37.44
N LEU B 191 -2.75 0.25 -37.22
CA LEU B 191 -1.84 0.67 -36.16
C LEU B 191 -0.89 1.71 -36.73
N GLN B 192 -0.51 2.68 -35.90
CA GLN B 192 0.50 3.66 -36.28
C GLN B 192 1.78 3.06 -35.76
N ALA B 193 2.35 2.17 -36.55
CA ALA B 193 3.52 1.41 -36.16
C ALA B 193 4.77 2.20 -36.53
N GLU B 194 5.44 2.74 -35.52
CA GLU B 194 6.68 3.51 -35.73
C GLU B 194 7.87 2.58 -35.61
N CYS B 195 9.01 2.99 -36.16
CA CYS B 195 10.20 2.16 -36.12
C CYS B 195 11.28 2.86 -35.33
N SER B 196 11.83 2.17 -34.33
CA SER B 196 12.94 2.70 -33.55
C SER B 196 14.29 2.31 -34.16
N GLU B 197 15.30 3.12 -33.86
CA GLU B 197 16.70 2.79 -34.18
C GLU B 197 17.32 1.91 -33.09
N ALA B 198 16.81 2.05 -31.86
CA ALA B 198 17.32 1.28 -30.72
C ALA B 198 16.18 1.08 -29.71
N ILE B 199 15.46 -0.02 -29.87
CA ILE B 199 14.21 -0.28 -29.18
C ILE B 199 14.32 -0.28 -27.64
N GLN B 200 15.51 -0.60 -27.12
CA GLN B 200 15.80 -0.58 -25.69
C GLN B 200 15.55 0.79 -25.06
N ARG B 201 15.82 1.84 -25.83
CA ARG B 201 15.60 3.23 -25.40
C ARG B 201 14.12 3.54 -25.17
N ASP B 202 13.28 3.04 -26.07
CA ASP B 202 11.83 3.21 -25.98
C ASP B 202 11.23 2.40 -24.84
N ILE B 203 11.77 1.19 -24.65
CA ILE B 203 11.40 0.31 -23.54
C ILE B 203 11.74 0.97 -22.22
N TRP B 204 12.96 1.48 -22.10
CA TRP B 204 13.39 2.14 -20.88
C TRP B 204 12.62 3.43 -20.59
N PHE B 205 12.29 4.19 -21.63
CA PHE B 205 11.57 5.45 -21.46
C PHE B 205 10.13 5.21 -21.00
N LYS B 206 9.49 4.17 -21.55
CA LYS B 206 8.14 3.82 -21.13
C LYS B 206 8.15 3.31 -19.70
N LEU B 207 9.13 2.47 -19.39
CA LEU B 207 9.34 1.93 -18.04
C LEU B 207 9.50 3.05 -17.01
N TRP B 208 10.46 3.93 -17.26
CA TRP B 208 10.77 5.09 -16.40
C TRP B 208 9.54 5.83 -15.87
N GLY B 209 8.56 6.09 -16.73
CA GLY B 209 7.32 6.77 -16.32
C GLY B 209 6.14 5.89 -15.91
N ASN B 210 6.28 4.57 -16.04
CA ASN B 210 5.20 3.63 -15.73
C ASN B 210 5.52 2.71 -14.55
N MET B 211 6.82 2.45 -14.36
CA MET B 211 7.38 1.59 -13.31
C MET B 211 7.14 2.17 -11.90
N THR B 212 6.83 3.46 -11.84
CA THR B 212 6.50 4.09 -10.58
C THR B 212 4.99 4.25 -10.42
N MET B 213 4.36 4.81 -11.46
CA MET B 213 2.93 5.09 -11.47
C MET B 213 2.03 3.88 -11.29
N ASN B 214 2.43 2.75 -11.87
CA ASN B 214 1.64 1.53 -11.79
C ASN B 214 1.61 0.83 -10.40
N PRO B 215 2.79 0.55 -9.78
CA PRO B 215 2.78 -0.05 -8.45
C PRO B 215 2.27 0.86 -7.32
N VAL B 216 2.52 2.17 -7.43
CA VAL B 216 1.99 3.15 -6.48
C VAL B 216 0.46 3.23 -6.57
N SER B 217 -0.05 3.06 -7.79
CA SER B 217 -1.49 3.01 -8.04
C SER B 217 -2.20 1.86 -7.34
N VAL B 218 -1.55 0.69 -7.26
CA VAL B 218 -2.19 -0.47 -6.60
C VAL B 218 -2.15 -0.36 -5.08
N LEU B 219 -1.13 0.31 -4.53
CA LEU B 219 -0.99 0.51 -3.10
C LEU B 219 -1.97 1.54 -2.56
N THR B 220 -2.18 2.59 -3.35
CA THR B 220 -3.05 3.70 -2.98
C THR B 220 -4.49 3.50 -3.47
N GLY B 221 -4.63 2.86 -4.63
CA GLY B 221 -5.94 2.69 -5.28
C GLY B 221 -6.44 3.95 -5.96
N ALA B 222 -5.54 4.92 -6.13
CA ALA B 222 -5.91 6.24 -6.60
C ALA B 222 -5.74 6.40 -8.10
N THR B 223 -6.37 7.44 -8.65
CA THR B 223 -6.15 7.85 -10.02
C THR B 223 -4.93 8.78 -10.06
N CYS B 224 -4.30 8.88 -11.23
CA CYS B 224 -3.03 9.61 -11.41
C CYS B 224 -3.03 11.06 -10.95
N ASP B 225 -4.19 11.72 -11.02
CA ASP B 225 -4.35 13.10 -10.56
C ASP B 225 -4.16 13.25 -9.05
N ARG B 226 -4.72 12.32 -8.26
CA ARG B 226 -4.55 12.30 -6.80
C ARG B 226 -3.11 12.03 -6.39
N ILE B 227 -2.51 11.03 -7.03
CA ILE B 227 -1.12 10.60 -6.79
C ILE B 227 -0.13 11.75 -7.01
N LEU B 228 -0.33 12.49 -8.11
CA LEU B 228 0.51 13.63 -8.43
C LEU B 228 0.17 14.88 -7.62
N ASP B 229 -1.05 14.94 -7.10
CA ASP B 229 -1.51 16.05 -6.25
C ASP B 229 -0.90 15.98 -4.85
N ASP B 230 -0.69 14.75 -4.37
CA ASP B 230 -0.05 14.52 -3.08
C ASP B 230 1.44 14.80 -3.21
N PRO B 231 1.94 15.83 -2.51
CA PRO B 231 3.34 16.26 -2.57
C PRO B 231 4.33 15.22 -2.02
N LEU B 232 3.86 14.40 -1.08
CA LEU B 232 4.72 13.38 -0.47
C LEU B 232 4.89 12.15 -1.36
N VAL B 233 3.80 11.71 -1.99
CA VAL B 233 3.86 10.62 -2.97
C VAL B 233 4.63 11.09 -4.21
N SER B 234 4.41 12.34 -4.60
CA SER B 234 5.09 12.96 -5.74
C SER B 234 6.61 12.91 -5.58
N ALA B 235 7.13 13.29 -4.41
CA ALA B 235 8.56 13.28 -4.13
C ALA B 235 9.16 11.87 -4.12
N PHE B 236 8.39 10.89 -3.64
CA PHE B 236 8.79 9.49 -3.68
C PHE B 236 8.79 8.93 -5.11
N CYS B 237 7.81 9.35 -5.91
CA CYS B 237 7.73 9.00 -7.33
C CYS B 237 8.94 9.52 -8.10
N LEU B 238 9.34 10.76 -7.80
CA LEU B 238 10.53 11.36 -8.40
C LEU B 238 11.83 10.65 -7.99
N ALA B 239 11.84 10.09 -6.77
CA ALA B 239 13.03 9.42 -6.25
C ALA B 239 13.26 8.02 -6.84
N VAL B 240 12.16 7.29 -7.07
CA VAL B 240 12.20 6.01 -7.79
C VAL B 240 12.64 6.22 -9.25
N MET B 241 12.01 7.20 -9.93
CA MET B 241 12.35 7.58 -11.31
C MET B 241 13.83 7.96 -11.48
N ALA B 242 14.39 8.59 -10.46
CA ALA B 242 15.78 9.05 -10.48
C ALA B 242 16.81 7.91 -10.47
N GLU B 243 16.51 6.84 -9.73
CA GLU B 243 17.36 5.65 -9.73
C GLU B 243 17.31 4.91 -11.07
N ALA B 244 16.12 4.84 -11.65
CA ALA B 244 15.90 4.22 -12.97
C ALA B 244 16.64 4.95 -14.08
N LYS B 245 16.71 6.27 -13.95
CA LYS B 245 17.43 7.15 -14.88
C LYS B 245 18.94 6.91 -14.80
N ALA B 246 19.47 6.84 -13.58
CA ALA B 246 20.90 6.57 -13.35
C ALA B 246 21.35 5.19 -13.87
N ILE B 247 20.46 4.21 -13.75
CA ILE B 247 20.71 2.85 -14.28
C ILE B 247 20.73 2.91 -15.81
N GLY B 248 19.68 3.52 -16.38
CA GLY B 248 19.54 3.73 -17.82
C GLY B 248 20.78 4.30 -18.50
N ALA B 249 21.40 5.30 -17.87
CA ALA B 249 22.59 5.96 -18.39
C ALA B 249 23.85 5.07 -18.42
N ARG B 250 23.78 3.94 -17.71
CA ARG B 250 24.87 2.98 -17.71
C ARG B 250 24.59 1.85 -18.70
N ILE B 251 23.36 1.76 -19.21
CA ILE B 251 23.00 0.67 -20.14
C ILE B 251 22.65 1.13 -21.56
N GLY B 252 23.10 2.31 -21.93
CA GLY B 252 22.84 2.86 -23.26
C GLY B 252 21.43 3.39 -23.41
N CYS B 253 20.83 3.82 -22.31
CA CYS B 253 19.48 4.35 -22.32
C CYS B 253 19.35 5.67 -21.54
N PRO B 254 20.04 6.74 -21.99
CA PRO B 254 19.94 8.00 -21.23
C PRO B 254 18.59 8.71 -21.47
N ILE B 255 18.10 9.40 -20.45
CA ILE B 255 16.83 10.13 -20.54
C ILE B 255 17.10 11.62 -20.32
N GLU B 256 16.77 12.40 -21.34
CA GLU B 256 16.99 13.85 -21.34
C GLU B 256 15.97 14.58 -20.46
N GLN B 257 14.70 14.24 -20.64
CA GLN B 257 13.57 14.82 -19.92
C GLN B 257 13.68 14.60 -18.41
N SER B 258 13.40 15.64 -17.64
CA SER B 258 13.41 15.58 -16.18
C SER B 258 12.16 14.86 -15.69
N GLY B 259 12.25 14.27 -14.50
CA GLY B 259 11.15 13.51 -13.91
C GLY B 259 9.92 14.35 -13.59
N GLU B 260 10.17 15.58 -13.15
CA GLU B 260 9.13 16.57 -12.86
C GLU B 260 8.28 16.90 -14.10
N ALA B 261 8.96 17.08 -15.23
CA ALA B 261 8.30 17.40 -16.51
C ALA B 261 7.50 16.23 -17.10
N ARG B 262 7.97 15.00 -16.87
CA ARG B 262 7.28 13.78 -17.30
C ARG B 262 6.06 13.51 -16.42
N SER B 263 6.19 13.81 -15.13
CA SER B 263 5.10 13.70 -14.17
C SER B 263 4.00 14.73 -14.47
N ALA B 264 4.38 15.88 -15.04
CA ALA B 264 3.44 16.92 -15.45
C ALA B 264 2.57 16.51 -16.65
N VAL B 265 3.11 15.66 -17.54
CA VAL B 265 2.39 15.16 -18.71
C VAL B 265 1.25 14.21 -18.30
N THR B 266 1.53 13.34 -17.34
CA THR B 266 0.51 12.45 -16.76
C THR B 266 -0.51 13.26 -15.93
N ARG B 267 -0.05 14.36 -15.35
CA ARG B 267 -0.89 15.25 -14.55
C ARG B 267 -1.91 16.00 -15.41
N GLN B 268 -1.50 16.32 -16.65
CA GLN B 268 -2.37 17.02 -17.59
C GLN B 268 -3.44 16.11 -18.22
N LEU B 269 -3.28 14.80 -18.01
CA LEU B 269 -4.34 13.84 -18.30
C LEU B 269 -5.34 13.81 -17.13
N GLY B 270 -6.49 13.17 -17.35
CA GLY B 270 -7.54 13.09 -16.33
C GLY B 270 -7.21 12.13 -15.20
N THR B 274 -4.21 3.89 -13.81
CA THR B 274 -3.34 3.09 -14.67
C THR B 274 -4.01 1.78 -15.03
N SER B 275 -3.32 0.96 -15.83
CA SER B 275 -3.83 -0.34 -16.26
C SER B 275 -3.60 -1.45 -15.23
N MET B 276 -2.45 -1.39 -14.54
CA MET B 276 -2.13 -2.30 -13.44
C MET B 276 -3.04 -2.03 -12.23
N LEU B 277 -3.55 -0.81 -12.13
CA LEU B 277 -4.62 -0.51 -11.17
C LEU B 277 -5.96 -1.05 -11.67
N GLN B 278 -6.37 -0.60 -12.86
CA GLN B 278 -7.69 -0.91 -13.41
C GLN B 278 -7.94 -2.40 -13.64
N ASP B 279 -7.30 -2.98 -14.66
CA ASP B 279 -7.50 -4.39 -14.95
C ASP B 279 -6.48 -5.32 -14.29
N ALA B 280 -6.18 -5.01 -13.04
CA ALA B 280 -5.46 -5.89 -12.13
C ALA B 280 -5.81 -5.55 -10.67
N GLU B 281 -6.94 -4.88 -10.50
CA GLU B 281 -7.60 -4.76 -9.20
C GLU B 281 -8.06 -6.14 -8.75
N ALA B 282 -9.03 -6.69 -9.47
CA ALA B 282 -9.49 -8.05 -9.26
C ALA B 282 -9.24 -8.89 -10.51
N GLY B 283 -8.22 -9.74 -10.44
CA GLY B 283 -7.83 -10.59 -11.57
C GLY B 283 -7.06 -9.82 -12.63
N PRO B 286 -1.24 -12.84 -11.95
CA PRO B 286 0.00 -12.09 -11.89
C PRO B 286 -0.17 -10.61 -12.23
N LEU B 287 0.45 -9.75 -11.42
CA LEU B 287 0.38 -8.30 -11.60
C LEU B 287 1.52 -7.76 -12.47
N GLU B 288 2.55 -8.60 -12.65
CA GLU B 288 3.77 -8.33 -13.43
C GLU B 288 4.79 -7.43 -12.73
N ILE B 289 4.94 -7.59 -11.41
CA ILE B 289 5.87 -6.74 -10.67
C ILE B 289 7.35 -7.12 -10.91
N ASP B 290 7.61 -8.38 -11.24
CA ASP B 290 8.99 -8.84 -11.47
C ASP B 290 9.60 -8.26 -12.76
N ALA B 291 8.79 -8.20 -13.82
CA ALA B 291 9.22 -7.63 -15.10
C ALA B 291 9.29 -6.11 -15.02
N LEU B 292 8.33 -5.50 -14.34
CA LEU B 292 8.25 -4.05 -14.22
C LEU B 292 9.25 -3.48 -13.23
N VAL B 293 9.39 -4.13 -12.07
CA VAL B 293 10.10 -3.52 -10.91
C VAL B 293 11.35 -4.28 -10.47
N ALA B 294 11.22 -5.59 -10.25
CA ALA B 294 12.37 -6.40 -9.77
C ALA B 294 13.50 -6.56 -10.81
N SER B 295 13.18 -6.39 -12.08
CA SER B 295 14.19 -6.43 -13.14
C SER B 295 15.10 -5.21 -13.08
N VAL B 296 14.49 -4.03 -12.92
CA VAL B 296 15.24 -2.76 -12.86
C VAL B 296 16.19 -2.79 -11.68
N ARG B 297 15.73 -3.35 -10.56
CA ARG B 297 16.55 -3.55 -9.37
C ARG B 297 17.75 -4.45 -9.65
N GLU B 298 17.52 -5.56 -10.37
CA GLU B 298 18.61 -6.47 -10.74
C GLU B 298 19.64 -5.84 -11.68
N ILE B 299 19.17 -5.08 -12.67
CA ILE B 299 20.07 -4.35 -13.57
C ILE B 299 20.89 -3.32 -12.75
N GLY B 300 20.21 -2.62 -11.85
CA GLY B 300 20.86 -1.70 -10.91
C GLY B 300 22.06 -2.31 -10.21
N LEU B 301 21.88 -3.51 -9.66
CA LEU B 301 22.98 -4.29 -9.07
C LEU B 301 24.15 -4.56 -10.01
N HIS B 302 23.85 -5.00 -11.24
CA HIS B 302 24.90 -5.24 -12.25
C HIS B 302 25.67 -3.98 -12.69
N VAL B 303 25.04 -2.81 -12.60
CA VAL B 303 25.72 -1.56 -13.02
C VAL B 303 26.26 -0.69 -11.85
N GLY B 304 25.99 -1.12 -10.62
CA GLY B 304 26.52 -0.45 -9.44
C GLY B 304 25.76 0.82 -9.07
N VAL B 305 24.45 0.80 -9.28
CA VAL B 305 23.60 1.92 -8.89
C VAL B 305 22.68 1.46 -7.75
N PRO B 306 22.83 2.09 -6.56
CA PRO B 306 22.01 1.77 -5.39
C PRO B 306 20.54 2.01 -5.68
N THR B 307 19.68 1.12 -5.22
CA THR B 307 18.23 1.28 -5.44
C THR B 307 17.34 1.26 -4.18
N PRO B 308 17.68 2.06 -3.12
CA PRO B 308 16.85 1.99 -1.91
C PRO B 308 15.38 2.38 -2.10
N GLN B 309 15.10 3.29 -3.02
CA GLN B 309 13.71 3.68 -3.29
C GLN B 309 12.95 2.60 -4.05
N ILE B 310 13.60 2.02 -5.05
CA ILE B 310 13.03 0.90 -5.81
C ILE B 310 12.78 -0.30 -4.91
N ASP B 311 13.76 -0.61 -4.03
CA ASP B 311 13.62 -1.63 -2.97
C ASP B 311 12.34 -1.46 -2.14
N THR B 312 12.13 -0.25 -1.63
CA THR B 312 10.94 0.08 -0.86
C THR B 312 9.69 -0.24 -1.68
N LEU B 313 9.64 0.32 -2.90
CA LEU B 313 8.52 0.12 -3.81
C LEU B 313 8.27 -1.36 -4.11
N LEU B 314 9.35 -2.10 -4.34
CA LEU B 314 9.27 -3.52 -4.68
C LEU B 314 8.68 -4.30 -3.50
N GLY B 315 9.27 -4.11 -2.33
CA GLY B 315 8.88 -4.80 -1.09
C GLY B 315 7.41 -4.63 -0.78
N LEU B 316 6.97 -3.38 -0.79
CA LEU B 316 5.60 -2.98 -0.43
C LEU B 316 4.52 -3.48 -1.41
N VAL B 317 4.83 -3.47 -2.70
CA VAL B 317 3.87 -3.90 -3.73
C VAL B 317 3.78 -5.43 -3.84
N ARG B 318 4.90 -6.12 -3.72
CA ARG B 318 4.91 -7.59 -3.78
C ARG B 318 4.17 -8.25 -2.61
N LEU B 319 4.14 -7.57 -1.46
CA LEU B 319 3.35 -8.02 -0.32
C LEU B 319 1.87 -7.68 -0.48
N HIS B 320 1.57 -6.47 -0.97
CA HIS B 320 0.21 -6.03 -1.26
C HIS B 320 -0.49 -6.97 -2.24
N ALA B 321 0.22 -7.34 -3.30
CA ALA B 321 -0.35 -8.16 -4.38
C ALA B 321 -0.56 -9.60 -3.97
N GLN B 322 0.39 -10.17 -3.23
CA GLN B 322 0.30 -11.56 -2.82
C GLN B 322 -0.71 -11.79 -1.68
N THR B 323 -1.13 -10.70 -1.03
CA THR B 323 -2.24 -10.70 -0.08
C THR B 323 -3.55 -10.93 -0.84
N ARG B 324 -3.69 -10.27 -1.98
CA ARG B 324 -4.90 -10.38 -2.81
C ARG B 324 -4.87 -11.58 -3.75
N GLY B 325 -3.82 -12.40 -3.63
CA GLY B 325 -3.60 -13.55 -4.51
C GLY B 325 -3.37 -13.10 -5.94
N LEU B 326 -2.41 -12.19 -6.11
CA LEU B 326 -2.18 -11.52 -7.40
C LEU B 326 -0.70 -11.39 -7.77
N TYR B 327 0.17 -12.02 -6.98
CA TYR B 327 1.60 -12.09 -7.29
C TYR B 327 2.04 -13.54 -7.50
#